data_7A0C
#
_entry.id   7A0C
#
_cell.length_a   86.809
_cell.length_b   93.796
_cell.length_c   124.222
_cell.angle_alpha   90.000
_cell.angle_beta   90.000
_cell.angle_gamma   90.000
#
_symmetry.space_group_name_H-M   'P 21 21 21'
#
loop_
_entity.id
_entity.type
_entity.pdbx_description
1 polymer 'Nickel-binding periplasmic protein'
2 non-polymer 'FE (III) ION'
3 non-polymer '2-[[(1~{S},2~{S})-2-[methyl-[(6-methylpyridin-2-yl)methyl]amino]cyclohexyl]-[(6-methylpyridin-2-yl)methyl]amino]ethanoic acid'
4 non-polymer 'ACETATE ION'
5 non-polymer GLYCEROL
6 non-polymer 'MAGNESIUM ION'
7 non-polymer 'CHLORIDE ION'
8 water water
#
_entity_poly.entity_id   1
_entity_poly.type   'polypeptide(L)'
_entity_poly.pdbx_seq_one_letter_code
;AAPDEITTAWPVNVGPLNPHLYTPNQMFAQSMVYEPLVKYQADGSVIPWLAKSWTHSEDGKTWTFTLRDDVKFSNGEPFD
AEAAAENFRAVLDNRQRHAWLELANQIVDVKALSKTELQITLKSAYYPFLQELALPRPFRFIAPSQFKNHETMNGIKAPI
GTGPWILQESKLNQYDVFVRNENYWGEKPAIKKITFNVIPDPTTRAVAFETGDIDLLYGNEGLLPLDTFARFSQNPAYHT
QLSQPIETVMLALNTAKAPTNELAVREALNYAVNKKSLIDNALYGTQQVADTLFAPSVPYANLGLKPSQYDPQKAKALLE
KAGWTLPAGKDIREKNGQPLRIELSFIGTDALSKSMAEIIQADMRQIGADVSLIGEEESSIYARQRDGRFGMIFHRTWGA
PYDPHAFLSSMRVPSHADFQAQQGLADKPLIDKEIGEVLATHDETQRQALYRDILTRLHDEAVYLPISYISMMVVSKPEL
GNIPYAPIATEIPFEQIKPVKP
;
_entity_poly.pdbx_strand_id   A,B
#
# COMPACT_ATOMS: atom_id res chain seq x y z
N ALA A 2 10.56 9.46 -29.78
CA ALA A 2 10.04 10.50 -28.90
C ALA A 2 9.73 9.92 -27.51
N PRO A 3 10.54 10.32 -26.52
CA PRO A 3 10.37 9.77 -25.16
C PRO A 3 9.18 10.33 -24.41
N ASP A 4 8.42 11.24 -25.02
CA ASP A 4 7.19 11.77 -24.44
C ASP A 4 5.95 11.19 -25.11
N GLU A 5 6.12 10.13 -25.90
CA GLU A 5 5.01 9.42 -26.52
C GLU A 5 5.16 7.95 -26.19
N ILE A 6 4.11 7.34 -25.66
CA ILE A 6 4.17 5.94 -25.28
C ILE A 6 3.03 5.17 -25.93
N THR A 7 3.25 3.88 -26.12
N THR A 7 3.26 3.87 -26.12
CA THR A 7 2.25 2.96 -26.65
CA THR A 7 2.27 2.95 -26.65
C THR A 7 2.02 1.86 -25.64
C THR A 7 2.02 1.87 -25.61
N THR A 8 0.75 1.64 -25.28
CA THR A 8 0.38 0.62 -24.31
C THR A 8 -0.71 -0.24 -24.95
N ALA A 9 -1.40 -1.03 -24.13
CA ALA A 9 -2.41 -1.92 -24.67
C ALA A 9 -3.55 -2.05 -23.67
N TRP A 10 -4.71 -2.44 -24.19
CA TRP A 10 -5.91 -2.73 -23.40
C TRP A 10 -6.70 -3.78 -24.15
N PRO A 11 -7.43 -4.66 -23.45
CA PRO A 11 -8.14 -5.74 -24.15
C PRO A 11 -9.24 -5.25 -25.08
N VAL A 12 -9.80 -4.07 -24.82
CA VAL A 12 -10.89 -3.52 -25.63
C VAL A 12 -10.63 -2.03 -25.83
N ASN A 13 -11.43 -1.44 -26.72
CA ASN A 13 -11.43 0.01 -26.87
C ASN A 13 -11.93 0.67 -25.57
N VAL A 14 -11.60 1.95 -25.41
CA VAL A 14 -12.01 2.66 -24.21
C VAL A 14 -13.49 2.97 -24.18
N GLY A 15 -14.18 2.88 -25.32
CA GLY A 15 -15.58 3.19 -25.38
C GLY A 15 -15.82 4.65 -25.72
N PRO A 16 -17.09 5.08 -25.72
CA PRO A 16 -17.40 6.47 -26.09
C PRO A 16 -16.99 7.51 -25.05
N LEU A 17 -16.60 7.09 -23.84
CA LEU A 17 -16.23 8.01 -22.77
C LEU A 17 -17.40 8.90 -22.37
N ASN A 18 -18.57 8.30 -22.23
CA ASN A 18 -19.65 8.93 -21.50
C ASN A 18 -19.31 8.90 -20.01
N PRO A 19 -19.20 10.05 -19.34
CA PRO A 19 -18.79 10.02 -17.92
C PRO A 19 -19.81 9.37 -17.01
N HIS A 20 -21.06 9.21 -17.44
CA HIS A 20 -22.14 8.84 -16.55
C HIS A 20 -22.70 7.45 -16.83
N LEU A 21 -22.07 6.68 -17.71
CA LEU A 21 -22.54 5.35 -18.05
C LEU A 21 -21.43 4.32 -17.82
N TYR A 22 -21.78 3.05 -18.00
CA TYR A 22 -20.93 1.94 -17.59
C TYR A 22 -20.41 1.22 -18.85
N THR A 23 -20.55 -0.09 -18.96
N THR A 23 -20.57 -0.10 -18.97
CA THR A 23 -20.05 -0.79 -20.14
CA THR A 23 -20.17 -0.83 -20.16
C THR A 23 -20.66 -0.19 -21.40
C THR A 23 -20.69 -0.13 -21.42
N PRO A 24 -19.89 -0.01 -22.49
CA PRO A 24 -18.50 -0.44 -22.65
C PRO A 24 -17.44 0.61 -22.29
N ASN A 25 -17.82 1.67 -21.59
CA ASN A 25 -16.84 2.66 -21.14
C ASN A 25 -15.87 2.00 -20.18
N GLN A 26 -14.58 2.25 -20.37
CA GLN A 26 -13.55 1.75 -19.49
C GLN A 26 -13.24 2.78 -18.42
N MET A 27 -13.27 2.35 -17.16
CA MET A 27 -13.18 3.30 -16.04
C MET A 27 -11.89 4.09 -16.06
N PHE A 28 -10.75 3.43 -16.30
CA PHE A 28 -9.48 4.15 -16.28
C PHE A 28 -9.48 5.29 -17.30
N ALA A 29 -10.16 5.10 -18.43
CA ALA A 29 -10.17 6.11 -19.48
C ALA A 29 -11.12 7.25 -19.15
N GLN A 30 -12.27 6.94 -18.53
CA GLN A 30 -13.12 8.01 -18.02
C GLN A 30 -12.37 8.85 -17.00
N SER A 31 -11.56 8.21 -16.16
CA SER A 31 -10.78 8.93 -15.16
C SER A 31 -9.66 9.76 -15.79
N MET A 32 -9.23 9.42 -17.01
CA MET A 32 -8.20 10.23 -17.67
C MET A 32 -8.76 11.55 -18.15
N VAL A 33 -10.04 11.58 -18.54
CA VAL A 33 -10.64 12.74 -19.17
C VAL A 33 -11.48 13.54 -18.18
N TYR A 34 -12.17 12.86 -17.27
CA TYR A 34 -13.13 13.50 -16.36
C TYR A 34 -12.59 13.49 -14.93
N GLU A 35 -13.01 14.50 -14.17
CA GLU A 35 -12.45 14.75 -12.85
C GLU A 35 -13.54 14.88 -11.79
N PRO A 36 -13.20 14.59 -10.52
CA PRO A 36 -14.18 14.73 -9.44
C PRO A 36 -14.09 16.06 -8.69
N LEU A 37 -15.10 16.35 -7.86
CA LEU A 37 -15.03 17.52 -7.00
C LEU A 37 -13.92 17.38 -5.97
N VAL A 38 -13.71 16.17 -5.46
CA VAL A 38 -12.70 15.87 -4.47
C VAL A 38 -11.96 14.62 -4.92
N LYS A 39 -10.66 14.55 -4.66
CA LYS A 39 -9.82 13.48 -5.17
C LYS A 39 -9.42 12.53 -4.07
N TYR A 40 -9.56 11.23 -4.34
CA TYR A 40 -9.24 10.22 -3.33
C TYR A 40 -7.73 10.08 -3.14
N GLN A 41 -7.32 9.89 -1.89
CA GLN A 41 -5.92 9.74 -1.53
C GLN A 41 -5.69 8.35 -0.94
N ALA A 42 -4.45 7.87 -1.07
CA ALA A 42 -4.12 6.52 -0.61
C ALA A 42 -4.38 6.34 0.88
N ASP A 43 -4.31 7.42 1.67
CA ASP A 43 -4.56 7.30 3.09
C ASP A 43 -6.04 7.21 3.45
N GLY A 44 -6.92 7.15 2.46
CA GLY A 44 -8.35 7.04 2.71
C GLY A 44 -9.09 8.37 2.73
N SER A 45 -8.37 9.49 2.79
CA SER A 45 -9.00 10.81 2.77
C SER A 45 -9.21 11.27 1.34
N VAL A 46 -9.94 12.37 1.21
CA VAL A 46 -10.06 13.08 -0.06
C VAL A 46 -9.43 14.46 0.11
N ILE A 47 -8.95 15.02 -0.99
CA ILE A 47 -8.37 16.36 -0.98
C ILE A 47 -9.24 17.24 -1.87
N PRO A 48 -9.17 18.56 -1.71
CA PRO A 48 -9.82 19.45 -2.67
C PRO A 48 -9.35 19.16 -4.09
N TRP A 49 -10.27 19.24 -5.04
CA TRP A 49 -9.90 19.10 -6.45
C TRP A 49 -10.62 20.17 -7.26
N LEU A 50 -11.67 19.80 -7.98
CA LEU A 50 -12.48 20.83 -8.63
C LEU A 50 -13.16 21.73 -7.60
N ALA A 51 -13.43 21.20 -6.41
CA ALA A 51 -13.90 22.00 -5.29
C ALA A 51 -12.71 22.39 -4.42
N LYS A 52 -12.58 23.70 -4.16
CA LYS A 52 -11.50 24.20 -3.31
C LYS A 52 -11.74 23.82 -1.85
N SER A 53 -12.98 23.91 -1.41
CA SER A 53 -13.32 23.72 -0.01
C SER A 53 -14.80 23.41 0.08
N TRP A 54 -15.24 23.02 1.28
CA TRP A 54 -16.64 22.70 1.48
C TRP A 54 -16.97 22.81 2.97
N THR A 55 -18.24 23.07 3.23
CA THR A 55 -18.80 23.02 4.56
C THR A 55 -20.04 22.13 4.53
N HIS A 56 -20.48 21.70 5.70
CA HIS A 56 -21.73 20.95 5.81
C HIS A 56 -22.50 21.44 7.02
N SER A 57 -23.81 21.18 7.00
CA SER A 57 -24.70 21.63 8.05
C SER A 57 -24.51 20.76 9.29
N GLU A 58 -25.14 21.22 10.38
CA GLU A 58 -25.09 20.50 11.65
C GLU A 58 -25.62 19.07 11.51
N ASP A 59 -26.72 18.90 10.77
CA ASP A 59 -27.32 17.58 10.64
C ASP A 59 -26.67 16.73 9.56
N GLY A 60 -25.64 17.23 8.88
CA GLY A 60 -24.89 16.46 7.92
C GLY A 60 -25.57 16.23 6.59
N LYS A 61 -26.69 16.89 6.33
CA LYS A 61 -27.47 16.62 5.12
C LYS A 61 -27.31 17.67 4.03
N THR A 62 -26.84 18.87 4.36
CA THR A 62 -26.66 19.93 3.37
C THR A 62 -25.18 20.25 3.28
N TRP A 63 -24.63 20.12 2.07
CA TRP A 63 -23.22 20.36 1.80
C TRP A 63 -23.09 21.47 0.76
N THR A 64 -22.14 22.38 1.01
CA THR A 64 -21.90 23.51 0.11
C THR A 64 -20.44 23.51 -0.28
N PHE A 65 -20.18 23.33 -1.58
CA PHE A 65 -18.82 23.30 -2.10
C PHE A 65 -18.48 24.66 -2.71
N THR A 66 -17.30 25.17 -2.39
CA THR A 66 -16.72 26.30 -3.07
C THR A 66 -15.80 25.76 -4.16
N LEU A 67 -16.12 26.04 -5.41
CA LEU A 67 -15.37 25.51 -6.53
C LEU A 67 -14.24 26.45 -6.93
N ARG A 68 -13.22 25.87 -7.56
CA ARG A 68 -12.20 26.68 -8.24
C ARG A 68 -12.87 27.58 -9.26
N ASP A 69 -12.23 28.69 -9.57
CA ASP A 69 -12.75 29.63 -10.56
C ASP A 69 -11.87 29.71 -11.80
N ASP A 70 -10.86 28.85 -11.92
CA ASP A 70 -9.89 28.92 -13.00
C ASP A 70 -9.90 27.69 -13.91
N VAL A 71 -10.93 26.85 -13.84
CA VAL A 71 -10.94 25.58 -14.54
C VAL A 71 -11.74 25.70 -15.83
N LYS A 72 -11.17 25.24 -16.94
CA LYS A 72 -11.84 25.17 -18.22
C LYS A 72 -11.93 23.72 -18.68
N PHE A 73 -13.06 23.38 -19.30
CA PHE A 73 -13.12 22.15 -20.08
C PHE A 73 -12.13 22.26 -21.24
N SER A 74 -11.75 21.10 -21.79
CA SER A 74 -10.75 21.09 -22.86
C SER A 74 -11.18 21.87 -24.09
N ASN A 75 -12.47 22.16 -24.24
CA ASN A 75 -12.95 22.96 -25.35
C ASN A 75 -13.02 24.46 -25.03
N GLY A 76 -12.42 24.88 -23.92
CA GLY A 76 -12.39 26.27 -23.55
C GLY A 76 -13.59 26.76 -22.75
N GLU A 77 -14.67 25.98 -22.69
CA GLU A 77 -15.84 26.41 -21.96
C GLU A 77 -15.60 26.31 -20.46
N PRO A 78 -16.18 27.21 -19.67
CA PRO A 78 -15.86 27.26 -18.24
C PRO A 78 -16.49 26.10 -17.49
N PHE A 79 -15.75 25.60 -16.50
CA PHE A 79 -16.32 24.76 -15.46
C PHE A 79 -16.75 25.66 -14.32
N ASP A 80 -18.04 25.65 -14.00
CA ASP A 80 -18.56 26.41 -12.88
C ASP A 80 -19.60 25.58 -12.15
N ALA A 81 -20.24 26.17 -11.15
CA ALA A 81 -21.23 25.43 -10.38
C ALA A 81 -22.43 25.04 -11.23
N GLU A 82 -22.79 25.87 -12.21
CA GLU A 82 -23.92 25.53 -13.07
C GLU A 82 -23.61 24.30 -13.92
N ALA A 83 -22.40 24.23 -14.48
CA ALA A 83 -22.00 23.04 -15.23
C ALA A 83 -21.99 21.81 -14.33
N ALA A 84 -21.50 21.97 -13.09
CA ALA A 84 -21.49 20.84 -12.16
C ALA A 84 -22.90 20.39 -11.82
N ALA A 85 -23.79 21.35 -11.54
CA ALA A 85 -25.18 21.00 -11.21
C ALA A 85 -25.85 20.29 -12.37
N GLU A 86 -25.64 20.77 -13.60
CA GLU A 86 -26.22 20.12 -14.76
C GLU A 86 -25.76 18.68 -14.89
N ASN A 87 -24.50 18.40 -14.55
CA ASN A 87 -24.00 17.04 -14.59
C ASN A 87 -24.69 16.17 -13.55
N PHE A 88 -24.87 16.68 -12.33
CA PHE A 88 -25.57 15.91 -11.31
C PHE A 88 -27.00 15.61 -11.75
N ARG A 89 -27.67 16.57 -12.38
CA ARG A 89 -29.01 16.33 -12.89
C ARG A 89 -29.00 15.25 -13.95
N ALA A 90 -28.04 15.31 -14.88
CA ALA A 90 -27.97 14.31 -15.94
C ALA A 90 -27.75 12.91 -15.36
N VAL A 91 -26.92 12.80 -14.32
CA VAL A 91 -26.69 11.51 -13.69
C VAL A 91 -27.97 11.00 -13.03
N LEU A 92 -28.60 11.86 -12.22
CA LEU A 92 -29.74 11.43 -11.43
C LEU A 92 -31.01 11.24 -12.27
N ASP A 93 -31.03 11.79 -13.49
CA ASP A 93 -32.09 11.46 -14.43
C ASP A 93 -32.05 9.99 -14.86
N ASN A 94 -30.99 9.27 -14.51
CA ASN A 94 -30.82 7.85 -14.80
C ASN A 94 -30.67 7.06 -13.50
N ARG A 95 -31.44 7.45 -12.47
CA ARG A 95 -31.11 7.12 -11.09
C ARG A 95 -31.13 5.62 -10.84
N GLN A 96 -32.09 4.93 -11.46
CA GLN A 96 -32.18 3.48 -11.38
C GLN A 96 -30.87 2.79 -11.70
N ARG A 97 -30.17 3.26 -12.73
CA ARG A 97 -28.95 2.60 -13.17
C ARG A 97 -27.80 2.79 -12.20
N HIS A 98 -27.91 3.75 -11.28
CA HIS A 98 -26.88 4.04 -10.29
C HIS A 98 -27.28 3.64 -8.88
N ALA A 99 -28.39 2.91 -8.72
CA ALA A 99 -28.91 2.63 -7.39
C ALA A 99 -28.03 1.69 -6.59
N TRP A 100 -27.14 0.94 -7.25
CA TRP A 100 -26.14 0.17 -6.53
C TRP A 100 -25.25 1.05 -5.67
N LEU A 101 -25.09 2.32 -6.04
CA LEU A 101 -24.25 3.28 -5.34
C LEU A 101 -25.16 4.17 -4.50
N GLU A 102 -25.06 4.04 -3.18
CA GLU A 102 -26.12 4.59 -2.32
C GLU A 102 -26.22 6.10 -2.39
N LEU A 103 -25.11 6.80 -2.69
CA LEU A 103 -25.19 8.25 -2.86
C LEU A 103 -26.20 8.65 -3.93
N ALA A 104 -26.33 7.84 -4.98
CA ALA A 104 -27.32 8.13 -6.03
C ALA A 104 -28.74 8.08 -5.51
N ASN A 105 -28.99 7.32 -4.43
CA ASN A 105 -30.29 7.31 -3.79
C ASN A 105 -30.44 8.37 -2.71
N GLN A 106 -29.34 9.00 -2.32
CA GLN A 106 -29.35 9.94 -1.20
C GLN A 106 -29.52 11.39 -1.62
N ILE A 107 -29.12 11.75 -2.84
CA ILE A 107 -29.13 13.15 -3.26
C ILE A 107 -30.55 13.58 -3.56
N VAL A 108 -31.02 14.59 -2.83
CA VAL A 108 -32.35 15.15 -3.05
C VAL A 108 -32.32 16.31 -4.03
N ASP A 109 -31.24 17.10 -4.02
CA ASP A 109 -31.18 18.32 -4.81
C ASP A 109 -29.73 18.77 -4.96
N VAL A 110 -29.42 19.35 -6.11
CA VAL A 110 -28.14 19.97 -6.37
C VAL A 110 -28.39 21.34 -7.00
N LYS A 111 -27.87 22.39 -6.39
CA LYS A 111 -28.14 23.76 -6.81
C LYS A 111 -26.84 24.54 -6.94
N ALA A 112 -26.70 25.26 -8.05
CA ALA A 112 -25.66 26.27 -8.18
C ALA A 112 -26.15 27.55 -7.52
N LEU A 113 -25.58 27.89 -6.36
CA LEU A 113 -25.95 29.13 -5.68
C LEU A 113 -25.24 30.35 -6.27
N SER A 114 -24.12 30.13 -6.94
CA SER A 114 -23.39 31.15 -7.68
C SER A 114 -22.48 30.43 -8.66
N LYS A 115 -21.61 31.17 -9.33
CA LYS A 115 -20.63 30.54 -10.22
C LYS A 115 -19.70 29.60 -9.45
N THR A 116 -19.48 29.88 -8.16
CA THR A 116 -18.48 29.15 -7.39
C THR A 116 -19.05 28.37 -6.20
N GLU A 117 -20.34 28.50 -5.92
CA GLU A 117 -20.96 27.83 -4.77
C GLU A 117 -21.93 26.76 -5.27
N LEU A 118 -21.71 25.52 -4.85
CA LEU A 118 -22.52 24.38 -5.26
C LEU A 118 -23.08 23.71 -4.00
N GLN A 119 -24.39 23.64 -3.90
CA GLN A 119 -25.07 23.09 -2.72
C GLN A 119 -25.70 21.75 -3.07
N ILE A 120 -25.39 20.73 -2.25
CA ILE A 120 -25.90 19.38 -2.43
C ILE A 120 -26.62 18.98 -1.16
N THR A 121 -27.90 18.61 -1.28
CA THR A 121 -28.72 18.19 -0.16
C THR A 121 -28.96 16.69 -0.21
N LEU A 122 -28.86 16.03 0.94
CA LEU A 122 -28.98 14.58 1.03
C LEU A 122 -30.19 14.18 1.86
N LYS A 123 -30.70 12.98 1.56
CA LYS A 123 -31.74 12.36 2.38
C LYS A 123 -31.32 12.27 3.84
N SER A 124 -30.13 11.72 4.08
CA SER A 124 -29.64 11.45 5.43
C SER A 124 -28.18 11.85 5.50
N ALA A 125 -27.59 11.69 6.68
CA ALA A 125 -26.19 12.04 6.92
C ALA A 125 -25.32 10.88 6.43
N TYR A 126 -25.14 10.85 5.11
CA TYR A 126 -24.46 9.74 4.45
C TYR A 126 -22.95 9.89 4.59
N TYR A 127 -22.34 9.06 5.43
CA TYR A 127 -20.93 9.23 5.75
C TYR A 127 -19.99 9.03 4.56
N PRO A 128 -20.20 8.08 3.62
CA PRO A 128 -19.24 7.93 2.53
C PRO A 128 -19.45 8.92 1.39
N PHE A 129 -20.11 10.04 1.70
CA PHE A 129 -20.48 11.04 0.69
C PHE A 129 -19.28 11.47 -0.15
N LEU A 130 -18.21 11.94 0.51
CA LEU A 130 -17.07 12.47 -0.21
C LEU A 130 -16.33 11.40 -1.00
N GLN A 131 -16.20 10.20 -0.42
CA GLN A 131 -15.48 9.14 -1.10
C GLN A 131 -16.21 8.67 -2.35
N GLU A 132 -17.54 8.75 -2.36
CA GLU A 132 -18.27 8.32 -3.54
C GLU A 132 -18.31 9.41 -4.61
N LEU A 133 -18.21 10.69 -4.21
CA LEU A 133 -17.97 11.76 -5.18
C LEU A 133 -16.63 11.60 -5.88
N ALA A 134 -15.67 10.92 -5.26
CA ALA A 134 -14.33 10.78 -5.81
C ALA A 134 -14.20 9.60 -6.78
N LEU A 135 -15.24 8.79 -6.92
CA LEU A 135 -15.15 7.60 -7.76
C LEU A 135 -14.96 7.98 -9.23
N PRO A 136 -14.40 7.05 -10.03
CA PRO A 136 -14.27 7.32 -11.47
C PRO A 136 -15.58 7.66 -12.15
N ARG A 137 -16.69 7.09 -11.69
CA ARG A 137 -18.01 7.35 -12.25
C ARG A 137 -19.04 7.03 -11.19
N PRO A 138 -20.23 7.66 -11.23
CA PRO A 138 -20.73 8.56 -12.29
C PRO A 138 -20.60 10.06 -12.03
N PHE A 139 -20.07 10.50 -10.90
CA PHE A 139 -20.17 11.91 -10.54
C PHE A 139 -18.94 12.72 -10.98
N ARG A 140 -18.63 12.64 -12.27
CA ARG A 140 -17.62 13.48 -12.90
C ARG A 140 -18.26 14.23 -14.06
N PHE A 141 -17.53 15.22 -14.59
CA PHE A 141 -18.15 16.36 -15.25
C PHE A 141 -17.73 16.47 -16.71
N ILE A 142 -18.71 16.37 -17.61
CA ILE A 142 -18.56 16.67 -19.02
C ILE A 142 -19.14 18.04 -19.29
N ALA A 143 -18.61 18.72 -20.31
CA ALA A 143 -19.11 20.03 -20.68
C ALA A 143 -20.58 19.93 -21.04
N PRO A 144 -21.47 20.69 -20.40
CA PRO A 144 -22.91 20.57 -20.71
C PRO A 144 -23.26 20.82 -22.16
N SER A 145 -22.41 21.52 -22.92
CA SER A 145 -22.66 21.71 -24.34
C SER A 145 -22.64 20.38 -25.10
N GLN A 146 -22.08 19.33 -24.51
CA GLN A 146 -21.99 18.03 -25.14
C GLN A 146 -23.08 17.07 -24.69
N PHE A 147 -24.02 17.53 -23.86
CA PHE A 147 -25.23 16.75 -23.62
C PHE A 147 -25.99 16.55 -24.93
N LYS A 148 -26.83 15.52 -24.96
CA LYS A 148 -27.78 15.32 -26.04
C LYS A 148 -29.19 15.58 -25.49
N ASN A 149 -29.85 16.61 -26.04
CA ASN A 149 -31.14 17.07 -25.54
C ASN A 149 -31.12 17.30 -24.02
N HIS A 150 -30.03 17.90 -23.55
CA HIS A 150 -29.84 18.28 -22.15
C HIS A 150 -29.78 17.06 -21.23
N GLU A 151 -29.42 15.90 -21.78
CA GLU A 151 -29.22 14.68 -21.02
CA GLU A 151 -29.22 14.68 -21.01
C GLU A 151 -27.89 14.04 -21.42
N THR A 152 -27.44 13.09 -20.60
CA THR A 152 -26.32 12.23 -20.97
C THR A 152 -26.70 10.76 -21.03
N MET A 153 -27.84 10.36 -20.47
CA MET A 153 -28.20 8.95 -20.40
C MET A 153 -28.51 8.36 -21.77
N ASN A 154 -28.82 9.20 -22.76
CA ASN A 154 -29.09 8.74 -24.12
C ASN A 154 -27.90 8.98 -25.05
N GLY A 155 -26.72 9.23 -24.50
CA GLY A 155 -25.54 9.49 -25.30
C GLY A 155 -25.03 10.91 -25.10
N ILE A 156 -23.78 11.11 -25.55
CA ILE A 156 -23.13 12.41 -25.52
C ILE A 156 -22.63 12.72 -26.92
N LYS A 157 -22.16 13.95 -27.10
CA LYS A 157 -21.56 14.36 -28.36
C LYS A 157 -20.05 14.11 -28.30
N ALA A 158 -19.25 15.16 -27.97
CA ALA A 158 -17.83 14.88 -27.80
C ALA A 158 -17.50 14.68 -26.33
N PRO A 159 -16.55 13.78 -26.00
CA PRO A 159 -16.22 13.52 -24.58
C PRO A 159 -15.29 14.57 -23.99
N ILE A 160 -15.85 15.75 -23.71
CA ILE A 160 -15.08 16.91 -23.27
C ILE A 160 -15.08 16.97 -21.75
N GLY A 161 -13.92 16.74 -21.14
CA GLY A 161 -13.75 16.89 -19.71
C GLY A 161 -12.79 18.02 -19.37
N THR A 162 -12.50 18.12 -18.07
CA THR A 162 -11.51 19.06 -17.56
C THR A 162 -10.15 18.41 -17.32
N GLY A 163 -10.03 17.10 -17.54
CA GLY A 163 -8.88 16.35 -17.08
C GLY A 163 -7.65 16.58 -17.92
N PRO A 164 -6.54 15.95 -17.49
CA PRO A 164 -5.24 16.19 -18.13
C PRO A 164 -5.05 15.47 -19.46
N TRP A 165 -6.01 14.65 -19.89
CA TRP A 165 -5.92 13.94 -21.15
C TRP A 165 -7.16 14.20 -22.00
N ILE A 166 -6.95 14.24 -23.31
CA ILE A 166 -8.01 14.43 -24.28
C ILE A 166 -7.98 13.27 -25.26
N LEU A 167 -9.13 12.64 -25.48
CA LEU A 167 -9.23 11.61 -26.51
C LEU A 167 -9.02 12.25 -27.88
N GLN A 168 -7.97 11.82 -28.58
CA GLN A 168 -7.74 12.34 -29.93
C GLN A 168 -8.59 11.59 -30.96
N GLU A 169 -8.51 10.27 -30.98
CA GLU A 169 -9.34 9.49 -31.88
C GLU A 169 -9.42 8.06 -31.39
N SER A 170 -10.44 7.36 -31.90
N SER A 170 -10.44 7.36 -31.90
CA SER A 170 -10.70 5.96 -31.57
CA SER A 170 -10.67 5.96 -31.57
C SER A 170 -10.98 5.20 -32.85
C SER A 170 -10.99 5.19 -32.85
N LYS A 171 -10.43 3.99 -32.95
CA LYS A 171 -10.68 3.11 -34.10
C LYS A 171 -11.09 1.75 -33.54
N LEU A 172 -12.36 1.40 -33.73
CA LEU A 172 -12.93 0.21 -33.13
C LEU A 172 -12.12 -1.03 -33.47
N ASN A 173 -11.80 -1.82 -32.44
CA ASN A 173 -11.03 -3.06 -32.51
C ASN A 173 -9.57 -2.83 -32.90
N GLN A 174 -9.10 -1.58 -32.89
CA GLN A 174 -7.73 -1.30 -33.30
C GLN A 174 -6.95 -0.51 -32.27
N TYR A 175 -7.40 0.71 -31.94
CA TYR A 175 -6.62 1.55 -31.05
C TYR A 175 -7.47 2.71 -30.52
N ASP A 176 -6.93 3.37 -29.49
CA ASP A 176 -7.40 4.65 -28.99
C ASP A 176 -6.18 5.52 -28.73
N VAL A 177 -6.27 6.81 -29.05
CA VAL A 177 -5.16 7.74 -28.87
C VAL A 177 -5.61 8.89 -27.97
N PHE A 178 -4.81 9.17 -26.94
CA PHE A 178 -5.01 10.32 -26.06
C PHE A 178 -3.83 11.26 -26.18
N VAL A 179 -4.09 12.55 -25.99
CA VAL A 179 -3.03 13.54 -25.94
C VAL A 179 -3.18 14.38 -24.68
N ARG A 180 -2.06 14.98 -24.28
CA ARG A 180 -2.05 15.86 -23.13
C ARG A 180 -2.93 17.07 -23.37
N ASN A 181 -3.66 17.47 -22.33
CA ASN A 181 -4.45 18.71 -22.36
C ASN A 181 -3.51 19.88 -22.07
N GLU A 182 -3.22 20.67 -23.09
CA GLU A 182 -2.28 21.77 -22.91
C GLU A 182 -2.86 22.94 -22.14
N ASN A 183 -4.17 22.93 -21.87
CA ASN A 183 -4.82 23.96 -21.06
C ASN A 183 -5.39 23.38 -19.78
N TYR A 184 -4.71 22.38 -19.23
CA TYR A 184 -5.14 21.76 -17.97
C TYR A 184 -4.88 22.72 -16.81
N TRP A 185 -5.83 22.77 -15.87
CA TRP A 185 -5.72 23.70 -14.75
C TRP A 185 -4.63 23.30 -13.77
N GLY A 186 -4.28 22.01 -13.72
CA GLY A 186 -3.27 21.50 -12.82
C GLY A 186 -1.93 21.31 -13.51
N GLU A 187 -1.15 20.36 -12.99
CA GLU A 187 0.20 20.14 -13.49
C GLU A 187 0.17 19.48 -14.85
N LYS A 188 1.07 19.90 -15.74
CA LYS A 188 1.17 19.31 -17.06
C LYS A 188 1.83 17.94 -16.97
N PRO A 189 1.24 16.91 -17.56
CA PRO A 189 1.93 15.61 -17.63
C PRO A 189 3.17 15.71 -18.49
N ALA A 190 4.17 14.91 -18.14
CA ALA A 190 5.38 14.83 -18.95
C ALA A 190 5.12 14.09 -20.26
N ILE A 191 4.24 13.10 -20.24
CA ILE A 191 3.86 12.38 -21.45
C ILE A 191 2.88 13.22 -22.26
N LYS A 192 3.12 13.30 -23.57
CA LYS A 192 2.29 14.12 -24.44
C LYS A 192 1.27 13.32 -25.24
N LYS A 193 1.53 12.04 -25.47
CA LYS A 193 0.65 11.22 -26.30
C LYS A 193 0.68 9.79 -25.79
N ILE A 194 -0.48 9.15 -25.74
CA ILE A 194 -0.61 7.76 -25.32
C ILE A 194 -1.48 7.03 -26.34
N THR A 195 -0.93 5.97 -26.93
CA THR A 195 -1.67 5.13 -27.86
C THR A 195 -1.97 3.80 -27.20
N PHE A 196 -3.24 3.43 -27.17
CA PHE A 196 -3.69 2.14 -26.64
C PHE A 196 -3.95 1.21 -27.82
N ASN A 197 -3.14 0.17 -27.94
CA ASN A 197 -3.41 -0.87 -28.92
C ASN A 197 -4.43 -1.85 -28.34
N VAL A 198 -5.45 -2.19 -29.11
CA VAL A 198 -6.48 -3.10 -28.66
C VAL A 198 -5.96 -4.53 -28.85
N ILE A 199 -5.65 -5.20 -27.75
CA ILE A 199 -5.07 -6.55 -27.79
C ILE A 199 -5.79 -7.42 -26.77
N PRO A 200 -6.77 -8.23 -27.19
CA PRO A 200 -7.61 -8.93 -26.21
C PRO A 200 -6.93 -10.10 -25.52
N ASP A 201 -5.93 -10.74 -26.14
CA ASP A 201 -5.38 -11.99 -25.60
C ASP A 201 -4.15 -11.71 -24.74
N PRO A 202 -4.06 -12.29 -23.54
CA PRO A 202 -2.88 -12.03 -22.70
C PRO A 202 -1.57 -12.52 -23.32
N THR A 203 -1.57 -13.67 -23.99
CA THR A 203 -0.34 -14.11 -24.66
C THR A 203 0.05 -13.14 -25.78
N THR A 204 -0.93 -12.64 -26.53
CA THR A 204 -0.64 -11.70 -27.60
C THR A 204 -0.11 -10.38 -27.06
N ARG A 205 -0.61 -9.95 -25.90
CA ARG A 205 -0.06 -8.75 -25.26
C ARG A 205 1.42 -8.95 -24.91
N ALA A 206 1.75 -10.12 -24.37
CA ALA A 206 3.14 -10.42 -24.05
C ALA A 206 4.02 -10.39 -25.30
N VAL A 207 3.54 -11.01 -26.38
CA VAL A 207 4.29 -11.01 -27.64
C VAL A 207 4.47 -9.59 -28.15
N ALA A 208 3.43 -8.76 -28.06
CA ALA A 208 3.53 -7.38 -28.52
C ALA A 208 4.63 -6.64 -27.77
N PHE A 209 4.76 -6.89 -26.47
CA PHE A 209 5.85 -6.27 -25.73
C PHE A 209 7.20 -6.81 -26.14
N GLU A 210 7.30 -8.13 -26.34
CA GLU A 210 8.58 -8.73 -26.69
C GLU A 210 9.11 -8.21 -28.02
N THR A 211 8.24 -7.89 -28.96
CA THR A 211 8.68 -7.38 -30.25
C THR A 211 9.10 -5.91 -30.19
N GLY A 212 8.73 -5.19 -29.14
CA GLY A 212 8.98 -3.77 -29.08
C GLY A 212 7.82 -2.91 -29.54
N ASP A 213 6.68 -3.52 -29.88
CA ASP A 213 5.56 -2.76 -30.42
C ASP A 213 4.93 -1.85 -29.37
N ILE A 214 4.96 -2.24 -28.10
CA ILE A 214 4.34 -1.47 -27.03
CA ILE A 214 4.34 -1.47 -27.03
C ILE A 214 5.37 -1.22 -25.93
N ASP A 215 5.21 -0.09 -25.23
CA ASP A 215 6.15 0.34 -24.20
C ASP A 215 5.71 -0.01 -22.79
N LEU A 216 4.44 -0.34 -22.57
CA LEU A 216 3.92 -0.42 -21.21
C LEU A 216 2.72 -1.34 -21.17
N LEU A 217 2.73 -2.27 -20.20
CA LEU A 217 1.56 -3.04 -19.84
C LEU A 217 1.24 -2.77 -18.38
N TYR A 218 -0.04 -2.56 -18.08
CA TYR A 218 -0.49 -2.17 -16.75
C TYR A 218 -1.85 -2.81 -16.53
N GLY A 219 -1.96 -3.68 -15.52
CA GLY A 219 -3.20 -4.38 -15.31
C GLY A 219 -3.14 -5.25 -14.08
N ASN A 220 -4.21 -6.01 -13.87
CA ASN A 220 -4.29 -6.90 -12.72
C ASN A 220 -3.64 -8.24 -13.07
N GLU A 221 -4.02 -9.31 -12.37
CA GLU A 221 -3.35 -10.60 -12.53
C GLU A 221 -3.64 -11.27 -13.86
N GLY A 222 -4.61 -10.76 -14.63
CA GLY A 222 -4.86 -11.26 -15.97
C GLY A 222 -4.14 -10.52 -17.08
N LEU A 223 -3.22 -9.62 -16.73
CA LEU A 223 -2.58 -8.77 -17.73
C LEU A 223 -1.81 -9.59 -18.76
N LEU A 224 -1.10 -10.62 -18.32
CA LEU A 224 -0.33 -11.47 -19.21
C LEU A 224 -0.10 -12.79 -18.50
N PRO A 225 0.31 -13.84 -19.23
CA PRO A 225 0.56 -15.13 -18.56
C PRO A 225 1.57 -14.98 -17.44
N LEU A 226 1.23 -15.52 -16.28
CA LEU A 226 2.05 -15.30 -15.10
C LEU A 226 3.39 -16.02 -15.17
N ASP A 227 3.48 -17.10 -15.94
CA ASP A 227 4.79 -17.70 -16.18
C ASP A 227 5.66 -16.77 -17.01
N THR A 228 5.07 -16.09 -18.00
CA THR A 228 5.82 -15.11 -18.78
C THR A 228 6.22 -13.92 -17.94
N PHE A 229 5.32 -13.46 -17.05
CA PHE A 229 5.64 -12.33 -16.19
C PHE A 229 6.83 -12.64 -15.29
N ALA A 230 6.86 -13.84 -14.71
CA ALA A 230 8.00 -14.23 -13.88
C ALA A 230 9.30 -14.20 -14.67
N ARG A 231 9.26 -14.69 -15.90
CA ARG A 231 10.44 -14.65 -16.77
CA ARG A 231 10.46 -14.64 -16.74
C ARG A 231 10.83 -13.21 -17.09
N PHE A 232 9.83 -12.37 -17.38
CA PHE A 232 10.09 -10.96 -17.67
C PHE A 232 10.79 -10.28 -16.48
N SER A 233 10.36 -10.61 -15.26
CA SER A 233 10.92 -9.96 -14.08
C SER A 233 12.39 -10.26 -13.90
N GLN A 234 12.87 -11.36 -14.46
CA GLN A 234 14.28 -11.71 -14.44
C GLN A 234 15.06 -11.16 -15.63
N ASN A 235 14.37 -10.62 -16.63
CA ASN A 235 15.01 -10.18 -17.85
C ASN A 235 15.62 -8.79 -17.66
N PRO A 236 16.95 -8.63 -17.75
CA PRO A 236 17.56 -7.33 -17.49
C PRO A 236 17.25 -6.28 -18.55
N ALA A 237 16.71 -6.67 -19.70
CA ALA A 237 16.30 -5.68 -20.71
C ALA A 237 14.94 -5.07 -20.41
N TYR A 238 14.18 -5.65 -19.49
CA TYR A 238 12.83 -5.23 -19.19
C TYR A 238 12.76 -4.62 -17.79
N HIS A 239 11.64 -3.96 -17.52
CA HIS A 239 11.26 -3.52 -16.18
C HIS A 239 9.93 -4.15 -15.83
N THR A 240 9.80 -4.65 -14.61
CA THR A 240 8.53 -5.19 -14.14
C THR A 240 8.26 -4.70 -12.72
N GLN A 241 6.99 -4.65 -12.37
CA GLN A 241 6.56 -4.27 -11.03
C GLN A 241 5.40 -5.13 -10.60
N LEU A 242 5.28 -5.31 -9.29
CA LEU A 242 4.15 -6.02 -8.68
C LEU A 242 3.74 -5.23 -7.45
N SER A 243 2.53 -4.68 -7.45
CA SER A 243 2.12 -3.81 -6.37
C SER A 243 1.78 -4.62 -5.12
N GLN A 244 1.51 -3.91 -4.04
CA GLN A 244 0.90 -4.53 -2.88
C GLN A 244 -0.57 -4.84 -3.22
N PRO A 245 -1.18 -5.80 -2.54
CA PRO A 245 -2.51 -6.28 -2.96
C PRO A 245 -3.55 -5.16 -2.98
N ILE A 246 -4.46 -5.26 -3.95
CA ILE A 246 -5.47 -4.22 -4.14
C ILE A 246 -6.89 -4.72 -3.90
N GLU A 247 -7.17 -6.02 -4.00
CA GLU A 247 -8.53 -6.52 -3.83
C GLU A 247 -8.49 -8.03 -3.67
N THR A 248 -9.65 -8.60 -3.34
CA THR A 248 -9.78 -10.01 -3.04
C THR A 248 -10.36 -10.76 -4.24
N VAL A 249 -9.84 -11.95 -4.51
CA VAL A 249 -10.44 -12.89 -5.43
C VAL A 249 -10.93 -14.09 -4.62
N MET A 250 -12.15 -14.53 -4.91
CA MET A 250 -12.79 -15.56 -4.09
C MET A 250 -13.78 -16.34 -4.94
N LEU A 251 -14.32 -17.39 -4.34
CA LEU A 251 -15.54 -18.02 -4.82
C LEU A 251 -16.71 -17.49 -4.00
N ALA A 252 -17.84 -17.29 -4.68
CA ALA A 252 -19.11 -17.03 -4.00
C ALA A 252 -19.92 -18.32 -4.03
N LEU A 253 -20.41 -18.73 -2.85
CA LEU A 253 -21.16 -19.97 -2.69
C LEU A 253 -22.64 -19.64 -2.54
N ASN A 254 -23.47 -20.32 -3.32
CA ASN A 254 -24.90 -20.00 -3.37
C ASN A 254 -25.61 -20.64 -2.20
N THR A 255 -25.90 -19.84 -1.16
CA THR A 255 -26.60 -20.33 0.02
C THR A 255 -28.06 -20.68 -0.24
N ALA A 256 -28.57 -20.48 -1.46
CA ALA A 256 -29.96 -20.75 -1.77
C ALA A 256 -30.13 -21.96 -2.67
N LYS A 257 -29.05 -22.68 -2.99
CA LYS A 257 -29.11 -23.80 -3.92
C LYS A 257 -28.40 -25.00 -3.33
N ALA A 258 -29.01 -26.17 -3.45
CA ALA A 258 -28.40 -27.39 -2.95
C ALA A 258 -27.16 -27.73 -3.78
N PRO A 259 -26.09 -28.26 -3.15
CA PRO A 259 -25.95 -28.51 -1.72
C PRO A 259 -25.24 -27.39 -0.95
N THR A 260 -24.90 -26.30 -1.64
CA THR A 260 -24.25 -25.19 -0.94
C THR A 260 -25.20 -24.41 -0.03
N ASN A 261 -26.48 -24.76 -0.01
CA ASN A 261 -27.39 -24.19 0.98
C ASN A 261 -27.09 -24.68 2.39
N GLU A 262 -26.29 -25.73 2.53
CA GLU A 262 -25.97 -26.30 3.84
C GLU A 262 -24.71 -25.65 4.37
N LEU A 263 -24.80 -25.10 5.59
CA LEU A 263 -23.65 -24.46 6.21
C LEU A 263 -22.49 -25.42 6.36
N ALA A 264 -22.78 -26.66 6.75
CA ALA A 264 -21.72 -27.66 6.91
C ALA A 264 -20.98 -27.88 5.60
N VAL A 265 -21.70 -27.87 4.48
CA VAL A 265 -21.04 -28.04 3.19
C VAL A 265 -20.15 -26.83 2.90
N ARG A 266 -20.65 -25.61 3.13
CA ARG A 266 -19.87 -24.42 2.84
C ARG A 266 -18.63 -24.34 3.71
N GLU A 267 -18.75 -24.71 4.99
CA GLU A 267 -17.58 -24.75 5.87
C GLU A 267 -16.57 -25.77 5.37
N ALA A 268 -17.04 -26.95 4.96
CA ALA A 268 -16.13 -27.99 4.50
C ALA A 268 -15.39 -27.56 3.24
N LEU A 269 -16.09 -26.88 2.32
CA LEU A 269 -15.42 -26.38 1.13
C LEU A 269 -14.31 -25.40 1.50
N ASN A 270 -14.53 -24.59 2.54
CA ASN A 270 -13.53 -23.61 2.97
C ASN A 270 -12.33 -24.25 3.64
N TYR A 271 -12.42 -25.53 4.04
CA TYR A 271 -11.30 -26.25 4.61
C TYR A 271 -10.54 -27.10 3.60
N ALA A 272 -11.06 -27.24 2.38
CA ALA A 272 -10.53 -28.22 1.45
C ALA A 272 -9.51 -27.68 0.47
N VAL A 273 -9.35 -26.35 0.37
CA VAL A 273 -8.48 -25.75 -0.62
C VAL A 273 -7.19 -25.30 0.04
N ASN A 274 -6.06 -25.85 -0.40
CA ASN A 274 -4.76 -25.31 -0.03
C ASN A 274 -4.51 -24.10 -0.93
N LYS A 275 -4.72 -22.91 -0.38
CA LYS A 275 -4.66 -21.71 -1.20
C LYS A 275 -3.23 -21.35 -1.58
N LYS A 276 -2.27 -21.63 -0.70
CA LYS A 276 -0.87 -21.43 -1.05
C LYS A 276 -0.48 -22.29 -2.25
N SER A 277 -0.91 -23.56 -2.24
CA SER A 277 -0.63 -24.44 -3.38
C SER A 277 -1.33 -23.95 -4.64
N LEU A 278 -2.59 -23.49 -4.51
CA LEU A 278 -3.28 -22.94 -5.66
C LEU A 278 -2.51 -21.75 -6.24
N ILE A 279 -2.08 -20.84 -5.36
CA ILE A 279 -1.37 -19.65 -5.82
C ILE A 279 -0.02 -20.03 -6.42
N ASP A 280 0.67 -21.01 -5.83
CA ASP A 280 1.96 -21.43 -6.37
C ASP A 280 1.79 -22.23 -7.66
N ASN A 281 0.63 -22.86 -7.84
CA ASN A 281 0.36 -23.68 -9.03
C ASN A 281 -0.11 -22.80 -10.19
N ALA A 282 -1.26 -22.15 -10.04
CA ALA A 282 -1.86 -21.44 -11.16
C ALA A 282 -1.34 -20.01 -11.28
N LEU A 283 -0.92 -19.39 -10.18
CA LEU A 283 -0.54 -17.99 -10.16
CA LEU A 283 -0.54 -17.99 -10.17
C LEU A 283 0.97 -17.81 -10.04
N TYR A 284 1.73 -18.89 -10.09
CA TYR A 284 3.20 -18.86 -10.08
C TYR A 284 3.75 -18.09 -8.88
N GLY A 285 3.04 -18.20 -7.75
CA GLY A 285 3.49 -17.59 -6.52
C GLY A 285 3.47 -16.08 -6.48
N THR A 286 2.76 -15.43 -7.40
CA THR A 286 2.82 -13.97 -7.53
C THR A 286 1.78 -13.24 -6.68
N GLN A 287 0.86 -13.95 -6.02
CA GLN A 287 -0.18 -13.31 -5.23
C GLN A 287 -0.13 -13.84 -3.79
N GLN A 288 -0.96 -13.25 -2.92
CA GLN A 288 -0.98 -13.60 -1.51
C GLN A 288 -2.27 -14.33 -1.15
N VAL A 289 -2.17 -15.21 -0.15
CA VAL A 289 -3.31 -16.03 0.27
C VAL A 289 -4.32 -15.16 1.02
N ALA A 290 -5.60 -15.40 0.77
CA ALA A 290 -6.69 -14.66 1.39
C ALA A 290 -7.46 -15.59 2.33
N ASP A 291 -7.57 -15.18 3.60
CA ASP A 291 -8.38 -15.93 4.57
C ASP A 291 -9.76 -15.33 4.78
N THR A 292 -9.98 -14.08 4.40
CA THR A 292 -11.23 -13.38 4.68
C THR A 292 -11.65 -12.60 3.45
N LEU A 293 -12.94 -12.25 3.42
CA LEU A 293 -13.50 -11.47 2.32
C LEU A 293 -12.69 -10.20 2.07
N PHE A 294 -12.39 -9.45 3.12
CA PHE A 294 -11.51 -8.29 3.03
C PHE A 294 -10.22 -8.56 3.78
N ALA A 295 -9.10 -8.16 3.19
CA ALA A 295 -7.82 -8.30 3.84
C ALA A 295 -7.81 -7.49 5.14
N PRO A 296 -6.99 -7.88 6.11
CA PRO A 296 -6.96 -7.14 7.39
C PRO A 296 -6.58 -5.68 7.24
N SER A 297 -5.94 -5.30 6.13
CA SER A 297 -5.55 -3.91 5.91
C SER A 297 -6.69 -3.05 5.41
N VAL A 298 -7.83 -3.64 5.07
CA VAL A 298 -8.97 -2.87 4.58
C VAL A 298 -9.61 -2.12 5.74
N PRO A 299 -10.05 -0.88 5.54
CA PRO A 299 -10.71 -0.15 6.63
C PRO A 299 -11.87 -0.93 7.22
N TYR A 300 -11.96 -0.92 8.55
CA TYR A 300 -13.00 -1.53 9.37
C TYR A 300 -12.98 -3.05 9.33
N ALA A 301 -11.98 -3.67 8.70
CA ALA A 301 -11.99 -5.11 8.47
C ALA A 301 -10.92 -5.86 9.27
N ASN A 302 -10.19 -5.18 10.15
CA ASN A 302 -9.22 -5.86 11.02
C ASN A 302 -9.98 -6.32 12.25
N LEU A 303 -10.56 -7.52 12.15
CA LEU A 303 -11.49 -8.01 13.15
C LEU A 303 -11.03 -9.29 13.85
N GLY A 304 -9.87 -9.82 13.49
CA GLY A 304 -9.43 -11.07 14.09
C GLY A 304 -10.29 -12.26 13.73
N LEU A 305 -10.86 -12.26 12.53
CA LEU A 305 -11.66 -13.40 12.08
C LEU A 305 -10.79 -14.64 11.97
N LYS A 306 -11.33 -15.77 12.40
CA LYS A 306 -10.55 -17.01 12.44
C LYS A 306 -10.42 -17.59 11.04
N PRO A 307 -9.20 -17.76 10.53
CA PRO A 307 -9.04 -18.40 9.22
C PRO A 307 -9.47 -19.86 9.27
N SER A 308 -10.03 -20.32 8.15
CA SER A 308 -10.24 -21.75 7.92
C SER A 308 -9.00 -22.25 7.19
N GLN A 309 -8.05 -22.78 7.93
CA GLN A 309 -6.83 -23.27 7.31
C GLN A 309 -7.13 -24.57 6.56
N TYR A 310 -6.27 -24.87 5.58
CA TYR A 310 -6.39 -26.10 4.82
C TYR A 310 -6.37 -27.29 5.77
N ASP A 311 -7.47 -28.06 5.78
CA ASP A 311 -7.63 -29.17 6.69
C ASP A 311 -8.61 -30.16 6.09
N PRO A 312 -8.18 -31.00 5.14
CA PRO A 312 -9.13 -31.92 4.49
C PRO A 312 -9.76 -32.90 5.47
N GLN A 313 -9.05 -33.21 6.55
CA GLN A 313 -9.59 -34.09 7.57
C GLN A 313 -10.80 -33.46 8.24
N LYS A 314 -10.71 -32.17 8.57
CA LYS A 314 -11.87 -31.48 9.15
C LYS A 314 -12.99 -31.32 8.12
N ALA A 315 -12.65 -31.12 6.85
CA ALA A 315 -13.66 -30.99 5.81
C ALA A 315 -14.46 -32.28 5.67
N LYS A 316 -13.78 -33.43 5.66
CA LYS A 316 -14.47 -34.71 5.60
C LYS A 316 -15.37 -34.92 6.81
N ALA A 317 -14.85 -34.61 8.01
CA ALA A 317 -15.64 -34.79 9.22
C ALA A 317 -16.89 -33.94 9.21
N LEU A 318 -16.79 -32.71 8.73
CA LEU A 318 -17.96 -31.84 8.65
C LEU A 318 -19.03 -32.43 7.73
N LEU A 319 -18.62 -32.94 6.57
CA LEU A 319 -19.58 -33.54 5.65
C LEU A 319 -20.19 -34.80 6.22
N GLU A 320 -19.38 -35.65 6.85
CA GLU A 320 -19.88 -36.87 7.45
C GLU A 320 -20.94 -36.57 8.51
N LYS A 321 -20.66 -35.58 9.37
CA LYS A 321 -21.60 -35.22 10.42
C LYS A 321 -22.89 -34.63 9.87
N ALA A 322 -22.83 -34.05 8.66
CA ALA A 322 -24.01 -33.53 8.00
C ALA A 322 -24.75 -34.58 7.18
N GLY A 323 -24.28 -35.82 7.18
CA GLY A 323 -24.95 -36.90 6.49
C GLY A 323 -24.44 -37.20 5.10
N TRP A 324 -23.33 -36.57 4.68
CA TRP A 324 -22.75 -36.78 3.36
C TRP A 324 -21.66 -37.85 3.51
N THR A 325 -22.02 -39.10 3.24
CA THR A 325 -21.11 -40.22 3.41
C THR A 325 -20.78 -40.84 2.05
N LEU A 326 -19.71 -41.63 2.03
CA LEU A 326 -19.24 -42.25 0.81
C LEU A 326 -19.91 -43.60 0.62
N PRO A 327 -20.63 -43.82 -0.48
CA PRO A 327 -21.12 -45.17 -0.77
C PRO A 327 -19.98 -46.09 -1.17
N ALA A 328 -20.25 -47.39 -1.11
CA ALA A 328 -19.21 -48.39 -1.33
C ALA A 328 -18.57 -48.23 -2.69
N GLY A 329 -17.25 -48.11 -2.71
CA GLY A 329 -16.51 -48.09 -3.97
C GLY A 329 -16.66 -46.82 -4.78
N LYS A 330 -17.12 -45.73 -4.18
CA LYS A 330 -17.25 -44.46 -4.87
C LYS A 330 -16.51 -43.38 -4.11
N ASP A 331 -16.08 -42.35 -4.84
CA ASP A 331 -15.36 -41.23 -4.23
C ASP A 331 -16.23 -40.00 -4.00
N ILE A 332 -17.44 -39.97 -4.56
CA ILE A 332 -18.34 -38.83 -4.40
C ILE A 332 -19.39 -39.17 -3.35
N ARG A 333 -19.51 -38.31 -2.35
CA ARG A 333 -20.43 -38.55 -1.25
C ARG A 333 -21.88 -38.44 -1.71
N GLU A 334 -22.77 -39.05 -0.93
CA GLU A 334 -24.19 -39.02 -1.20
C GLU A 334 -24.95 -38.79 0.10
N LYS A 335 -26.13 -38.18 -0.03
CA LYS A 335 -27.03 -37.97 1.09
C LYS A 335 -28.45 -38.06 0.56
N ASN A 336 -29.21 -39.04 1.05
CA ASN A 336 -30.54 -39.34 0.51
C ASN A 336 -30.47 -39.69 -0.97
N GLY A 337 -29.44 -40.42 -1.36
CA GLY A 337 -29.26 -40.81 -2.74
C GLY A 337 -28.84 -39.70 -3.68
N GLN A 338 -28.72 -38.46 -3.19
CA GLN A 338 -28.27 -37.34 -4.03
C GLN A 338 -26.76 -37.19 -3.91
N PRO A 339 -26.03 -37.10 -5.02
CA PRO A 339 -24.58 -36.91 -4.93
C PRO A 339 -24.21 -35.48 -4.57
N LEU A 340 -23.08 -35.35 -3.88
CA LEU A 340 -22.55 -34.05 -3.52
C LEU A 340 -21.91 -33.45 -4.76
N ARG A 341 -22.73 -32.79 -5.58
CA ARG A 341 -22.29 -32.20 -6.83
C ARG A 341 -22.53 -30.70 -6.79
N ILE A 342 -21.52 -29.93 -7.20
CA ILE A 342 -21.57 -28.47 -7.16
C ILE A 342 -21.07 -27.95 -8.49
N GLU A 343 -21.83 -27.05 -9.11
CA GLU A 343 -21.45 -26.48 -10.40
C GLU A 343 -20.65 -25.20 -10.19
N LEU A 344 -19.47 -25.15 -10.79
CA LEU A 344 -18.61 -23.98 -10.79
C LEU A 344 -18.60 -23.43 -12.21
N SER A 345 -19.20 -22.26 -12.41
CA SER A 345 -19.23 -21.62 -13.72
C SER A 345 -18.20 -20.49 -13.77
N PHE A 346 -17.60 -20.32 -14.94
CA PHE A 346 -16.50 -19.39 -15.14
C PHE A 346 -16.41 -19.07 -16.62
N ILE A 347 -15.64 -18.03 -16.93
CA ILE A 347 -15.44 -17.64 -18.32
C ILE A 347 -14.53 -18.68 -18.98
N GLY A 348 -15.07 -19.40 -19.97
CA GLY A 348 -14.41 -20.58 -20.46
C GLY A 348 -13.13 -20.32 -21.23
N THR A 349 -13.01 -19.14 -21.81
CA THR A 349 -11.81 -18.79 -22.56
C THR A 349 -10.74 -18.13 -21.70
N ASP A 350 -11.01 -17.91 -20.42
CA ASP A 350 -10.04 -17.33 -19.49
C ASP A 350 -9.17 -18.46 -18.96
N ALA A 351 -7.94 -18.56 -19.47
CA ALA A 351 -7.08 -19.68 -19.13
C ALA A 351 -6.74 -19.70 -17.65
N LEU A 352 -6.54 -18.52 -17.05
CA LEU A 352 -6.26 -18.45 -15.62
C LEU A 352 -7.43 -18.94 -14.79
N SER A 353 -8.66 -18.54 -15.15
CA SER A 353 -9.83 -19.01 -14.43
C SER A 353 -9.99 -20.52 -14.57
N LYS A 354 -9.73 -21.05 -15.78
CA LYS A 354 -9.84 -22.49 -15.99
C LYS A 354 -8.81 -23.25 -15.15
N SER A 355 -7.60 -22.71 -15.04
CA SER A 355 -6.56 -23.37 -14.25
CA SER A 355 -6.56 -23.37 -14.25
C SER A 355 -6.97 -23.45 -12.78
N MET A 356 -7.42 -22.33 -12.21
CA MET A 356 -7.88 -22.33 -10.83
C MET A 356 -9.09 -23.22 -10.65
N ALA A 357 -9.98 -23.26 -11.64
CA ALA A 357 -11.15 -24.12 -11.57
C ALA A 357 -10.73 -25.59 -11.50
N GLU A 358 -9.78 -26.00 -12.33
CA GLU A 358 -9.30 -27.38 -12.28
C GLU A 358 -8.68 -27.70 -10.94
N ILE A 359 -7.92 -26.76 -10.37
CA ILE A 359 -7.31 -26.98 -9.06
C ILE A 359 -8.39 -27.12 -7.99
N ILE A 360 -9.40 -26.24 -8.02
CA ILE A 360 -10.47 -26.31 -7.04
C ILE A 360 -11.24 -27.62 -7.19
N GLN A 361 -11.51 -28.03 -8.42
CA GLN A 361 -12.21 -29.30 -8.65
C GLN A 361 -11.44 -30.47 -8.04
N ALA A 362 -10.13 -30.53 -8.28
CA ALA A 362 -9.33 -31.61 -7.72
C ALA A 362 -9.30 -31.56 -6.20
N ASP A 363 -9.11 -30.36 -5.63
CA ASP A 363 -9.11 -30.24 -4.18
C ASP A 363 -10.41 -30.71 -3.57
N MET A 364 -11.53 -30.37 -4.19
CA MET A 364 -12.81 -30.73 -3.60
CA MET A 364 -12.83 -30.72 -3.64
C MET A 364 -13.14 -32.21 -3.79
N ARG A 365 -12.63 -32.83 -4.86
CA ARG A 365 -12.81 -34.26 -5.01
C ARG A 365 -12.16 -35.03 -3.87
N GLN A 366 -11.04 -34.52 -3.35
CA GLN A 366 -10.33 -35.20 -2.27
C GLN A 366 -11.16 -35.31 -1.00
N ILE A 367 -12.15 -34.45 -0.81
CA ILE A 367 -13.03 -34.54 0.35
C ILE A 367 -14.41 -35.07 -0.03
N GLY A 368 -14.57 -35.57 -1.26
CA GLY A 368 -15.80 -36.22 -1.66
C GLY A 368 -16.82 -35.36 -2.36
N ALA A 369 -16.44 -34.16 -2.82
CA ALA A 369 -17.35 -33.27 -3.51
C ALA A 369 -17.01 -33.23 -5.00
N ASP A 370 -18.03 -33.43 -5.83
CA ASP A 370 -17.87 -33.44 -7.27
C ASP A 370 -18.18 -32.06 -7.83
N VAL A 371 -17.16 -31.38 -8.36
CA VAL A 371 -17.31 -30.06 -8.94
C VAL A 371 -17.42 -30.21 -10.46
N SER A 372 -18.55 -29.77 -11.01
CA SER A 372 -18.73 -29.71 -12.46
C SER A 372 -18.25 -28.35 -12.96
N LEU A 373 -17.37 -28.36 -13.96
CA LEU A 373 -16.85 -27.15 -14.54
C LEU A 373 -17.75 -26.70 -15.69
N ILE A 374 -18.32 -25.50 -15.56
CA ILE A 374 -19.16 -24.93 -16.60
C ILE A 374 -18.46 -23.71 -17.18
N GLY A 375 -17.72 -23.91 -18.27
CA GLY A 375 -17.06 -22.81 -18.93
C GLY A 375 -17.91 -22.20 -20.02
N GLU A 376 -18.29 -20.93 -19.89
CA GLU A 376 -19.23 -20.29 -20.80
C GLU A 376 -18.71 -18.93 -21.21
N GLU A 377 -19.36 -18.36 -22.23
CA GLU A 377 -19.00 -17.03 -22.69
C GLU A 377 -19.29 -15.99 -21.62
N GLU A 378 -18.65 -14.83 -21.76
CA GLU A 378 -18.73 -13.77 -20.77
C GLU A 378 -20.17 -13.36 -20.48
N SER A 379 -20.99 -13.21 -21.54
CA SER A 379 -22.37 -12.76 -21.36
C SER A 379 -23.17 -13.73 -20.50
N SER A 380 -22.97 -15.04 -20.72
CA SER A 380 -23.73 -16.03 -19.96
CA SER A 380 -23.73 -16.03 -19.96
C SER A 380 -23.34 -16.02 -18.49
N ILE A 381 -22.06 -15.83 -18.20
CA ILE A 381 -21.61 -15.81 -16.81
C ILE A 381 -22.19 -14.61 -16.07
N TYR A 382 -22.19 -13.44 -16.71
CA TYR A 382 -22.76 -12.25 -16.08
C TYR A 382 -24.26 -12.42 -15.85
N ALA A 383 -24.95 -13.07 -16.78
CA ALA A 383 -26.36 -13.37 -16.57
C ALA A 383 -26.54 -14.30 -15.37
N ARG A 384 -25.68 -15.32 -15.25
CA ARG A 384 -25.77 -16.23 -14.12
C ARG A 384 -25.56 -15.50 -12.79
N GLN A 385 -24.62 -14.56 -12.75
CA GLN A 385 -24.35 -13.84 -11.52
C GLN A 385 -25.56 -12.99 -11.11
N ARG A 386 -26.19 -12.34 -12.08
CA ARG A 386 -27.35 -11.50 -11.76
C ARG A 386 -28.54 -12.34 -11.33
N ASP A 387 -28.70 -13.54 -11.88
CA ASP A 387 -29.86 -14.38 -11.63
C ASP A 387 -29.66 -15.41 -10.52
N GLY A 388 -28.46 -15.51 -9.95
CA GLY A 388 -28.21 -16.56 -8.99
C GLY A 388 -28.21 -17.95 -9.59
N ARG A 389 -27.95 -18.06 -10.89
CA ARG A 389 -27.94 -19.36 -11.57
CA ARG A 389 -27.92 -19.33 -11.61
C ARG A 389 -26.53 -19.96 -11.52
N PHE A 390 -26.11 -20.25 -10.29
CA PHE A 390 -24.78 -20.82 -10.07
C PHE A 390 -24.74 -21.55 -8.73
N GLY A 391 -23.82 -22.50 -8.63
CA GLY A 391 -23.48 -23.11 -7.36
C GLY A 391 -22.30 -22.39 -6.74
N MET A 392 -21.21 -22.26 -7.51
CA MET A 392 -20.07 -21.44 -7.16
C MET A 392 -19.64 -20.62 -8.37
N ILE A 393 -19.12 -19.42 -8.10
CA ILE A 393 -18.58 -18.56 -9.14
C ILE A 393 -17.32 -17.89 -8.63
N PHE A 394 -16.40 -17.60 -9.55
CA PHE A 394 -15.32 -16.69 -9.23
C PHE A 394 -15.88 -15.28 -9.09
N HIS A 395 -15.34 -14.54 -8.12
CA HIS A 395 -15.85 -13.22 -7.78
C HIS A 395 -14.72 -12.43 -7.16
N ARG A 396 -14.84 -11.10 -7.20
CA ARG A 396 -13.78 -10.27 -6.64
C ARG A 396 -14.39 -9.03 -6.00
N THR A 397 -13.68 -8.50 -5.01
CA THR A 397 -14.02 -7.18 -4.48
C THR A 397 -13.49 -6.11 -5.42
N TRP A 398 -13.69 -4.85 -5.06
CA TRP A 398 -13.54 -3.76 -6.01
C TRP A 398 -12.36 -2.85 -5.72
N GLY A 399 -11.63 -3.06 -4.63
CA GLY A 399 -10.49 -2.24 -4.31
C GLY A 399 -10.86 -0.88 -3.76
N ALA A 400 -9.86 -0.10 -3.33
CA ALA A 400 -10.14 1.23 -2.80
C ALA A 400 -10.67 2.13 -3.91
N PRO A 401 -11.61 3.04 -3.60
CA PRO A 401 -12.21 3.24 -2.28
C PRO A 401 -13.56 2.53 -2.10
N TYR A 402 -13.82 1.52 -2.95
CA TYR A 402 -15.07 0.79 -2.84
C TYR A 402 -15.09 -0.16 -1.66
N ASP A 403 -13.95 -0.76 -1.33
CA ASP A 403 -13.89 -1.74 -0.25
C ASP A 403 -13.68 -1.02 1.08
N PRO A 404 -14.54 -1.24 2.09
CA PRO A 404 -15.67 -2.18 2.11
C PRO A 404 -17.06 -1.57 1.90
N HIS A 405 -17.19 -0.25 2.04
CA HIS A 405 -18.51 0.35 2.19
C HIS A 405 -19.37 0.17 0.94
N ALA A 406 -18.80 0.38 -0.25
CA ALA A 406 -19.59 0.32 -1.47
C ALA A 406 -19.88 -1.13 -1.86
N PHE A 407 -18.90 -2.01 -1.69
CA PHE A 407 -19.13 -3.44 -1.93
C PHE A 407 -20.21 -3.97 -1.01
N LEU A 408 -20.19 -3.60 0.27
CA LEU A 408 -21.21 -4.04 1.21
C LEU A 408 -22.57 -3.46 0.84
N SER A 409 -22.61 -2.17 0.51
CA SER A 409 -23.87 -1.52 0.14
C SER A 409 -24.53 -2.26 -1.02
N SER A 410 -23.74 -2.68 -2.00
CA SER A 410 -24.28 -3.35 -3.18
C SER A 410 -24.78 -4.76 -2.87
N MET A 411 -24.43 -5.33 -1.72
CA MET A 411 -24.97 -6.64 -1.34
C MET A 411 -26.48 -6.62 -1.16
N ARG A 412 -27.07 -5.43 -1.01
CA ARG A 412 -28.52 -5.31 -0.86
C ARG A 412 -29.27 -5.32 -2.18
N VAL A 413 -28.56 -5.19 -3.29
CA VAL A 413 -29.19 -5.12 -4.61
C VAL A 413 -29.37 -6.54 -5.13
N PRO A 414 -30.62 -7.01 -5.32
CA PRO A 414 -30.82 -8.44 -5.62
C PRO A 414 -30.28 -8.88 -6.96
N SER A 415 -30.04 -7.97 -7.90
CA SER A 415 -29.61 -8.34 -9.24
C SER A 415 -28.10 -8.42 -9.38
N HIS A 416 -27.39 -8.78 -8.33
CA HIS A 416 -25.94 -8.96 -8.40
C HIS A 416 -25.55 -10.18 -7.58
N ALA A 417 -24.31 -10.64 -7.81
CA ALA A 417 -23.90 -11.96 -7.36
C ALA A 417 -23.91 -12.09 -5.85
N ASP A 418 -23.57 -11.01 -5.13
CA ASP A 418 -23.40 -11.11 -3.69
C ASP A 418 -24.74 -11.31 -2.99
N PHE A 419 -25.78 -10.56 -3.38
CA PHE A 419 -27.11 -10.82 -2.85
C PHE A 419 -27.53 -12.25 -3.17
N GLN A 420 -27.37 -12.65 -4.44
CA GLN A 420 -27.81 -13.98 -4.86
C GLN A 420 -27.11 -15.07 -4.05
N ALA A 421 -25.81 -14.92 -3.80
CA ALA A 421 -25.10 -15.90 -3.00
C ALA A 421 -25.59 -15.90 -1.54
N GLN A 422 -26.02 -14.75 -1.04
CA GLN A 422 -26.46 -14.61 0.34
C GLN A 422 -27.95 -14.85 0.54
N GLN A 423 -28.69 -15.11 -0.54
CA GLN A 423 -30.16 -15.06 -0.47
C GLN A 423 -30.73 -16.11 0.46
N GLY A 424 -30.06 -17.24 0.62
CA GLY A 424 -30.55 -18.31 1.46
C GLY A 424 -30.23 -18.20 2.93
N LEU A 425 -29.57 -17.11 3.35
CA LEU A 425 -29.21 -16.95 4.75
C LEU A 425 -30.40 -16.50 5.57
N ALA A 426 -30.62 -17.17 6.71
CA ALA A 426 -31.70 -16.79 7.60
C ALA A 426 -31.54 -15.38 8.13
N ASP A 427 -30.30 -14.91 8.30
CA ASP A 427 -30.05 -13.58 8.81
C ASP A 427 -29.72 -12.57 7.70
N LYS A 428 -30.01 -12.92 6.45
CA LYS A 428 -29.85 -11.96 5.36
C LYS A 428 -30.66 -10.68 5.57
N PRO A 429 -31.92 -10.71 6.01
CA PRO A 429 -32.61 -9.44 6.28
C PRO A 429 -31.91 -8.61 7.34
N LEU A 430 -31.44 -9.24 8.42
CA LEU A 430 -30.66 -8.52 9.41
C LEU A 430 -29.41 -7.90 8.78
N ILE A 431 -28.71 -8.66 7.94
CA ILE A 431 -27.48 -8.18 7.34
C ILE A 431 -27.77 -6.94 6.48
N ASP A 432 -28.81 -7.01 5.65
CA ASP A 432 -29.16 -5.88 4.80
C ASP A 432 -29.62 -4.68 5.61
N LYS A 433 -30.29 -4.94 6.74
CA LYS A 433 -30.69 -3.85 7.64
C LYS A 433 -29.46 -3.16 8.23
N GLU A 434 -28.49 -3.94 8.69
CA GLU A 434 -27.29 -3.35 9.29
C GLU A 434 -26.44 -2.64 8.26
N ILE A 435 -26.44 -3.10 7.01
CA ILE A 435 -25.71 -2.40 5.96
C ILE A 435 -26.30 -1.02 5.73
N GLY A 436 -27.64 -0.92 5.73
CA GLY A 436 -28.27 0.38 5.64
C GLY A 436 -27.91 1.29 6.79
N GLU A 437 -27.85 0.73 8.01
CA GLU A 437 -27.54 1.53 9.18
C GLU A 437 -26.08 1.99 9.18
N VAL A 438 -25.16 1.13 8.75
CA VAL A 438 -23.74 1.47 8.84
C VAL A 438 -23.41 2.65 7.94
N LEU A 439 -24.12 2.79 6.82
CA LEU A 439 -23.84 3.87 5.89
C LEU A 439 -24.37 5.21 6.40
N ALA A 440 -25.41 5.19 7.22
CA ALA A 440 -26.08 6.41 7.67
C ALA A 440 -25.66 6.86 9.06
N THR A 441 -25.32 5.94 9.95
CA THR A 441 -25.01 6.31 11.32
C THR A 441 -23.77 7.20 11.35
N HIS A 442 -23.77 8.15 12.29
CA HIS A 442 -22.61 8.98 12.55
C HIS A 442 -22.00 8.70 13.92
N ASP A 443 -22.53 7.70 14.64
CA ASP A 443 -21.87 7.16 15.82
C ASP A 443 -20.76 6.23 15.33
N GLU A 444 -19.50 6.66 15.49
CA GLU A 444 -18.40 5.90 14.95
C GLU A 444 -18.20 4.57 15.68
N THR A 445 -18.51 4.53 16.99
CA THR A 445 -18.48 3.26 17.70
C THR A 445 -19.49 2.29 17.12
N GLN A 446 -20.69 2.78 16.79
CA GLN A 446 -21.73 1.94 16.22
C GLN A 446 -21.37 1.53 14.80
N ARG A 447 -20.73 2.43 14.04
CA ARG A 447 -20.32 2.10 12.68
CA ARG A 447 -20.31 2.10 12.68
C ARG A 447 -19.34 0.93 12.68
N GLN A 448 -18.36 0.96 13.58
CA GLN A 448 -17.40 -0.13 13.65
C GLN A 448 -18.05 -1.43 14.13
N ALA A 449 -18.98 -1.33 15.08
CA ALA A 449 -19.69 -2.51 15.56
C ALA A 449 -20.56 -3.13 14.48
N LEU A 450 -21.15 -2.31 13.61
CA LEU A 450 -21.98 -2.85 12.53
C LEU A 450 -21.14 -3.52 11.47
N TYR A 451 -20.02 -2.90 11.10
CA TYR A 451 -19.10 -3.54 10.16
C TYR A 451 -18.60 -4.87 10.70
N ARG A 452 -18.26 -4.91 11.99
CA ARG A 452 -17.82 -6.17 12.60
C ARG A 452 -18.91 -7.23 12.48
N ASP A 453 -20.15 -6.86 12.80
CA ASP A 453 -21.23 -7.85 12.79
C ASP A 453 -21.52 -8.34 11.38
N ILE A 454 -21.56 -7.42 10.41
CA ILE A 454 -21.84 -7.83 9.03
C ILE A 454 -20.76 -8.77 8.53
N LEU A 455 -19.49 -8.39 8.72
CA LEU A 455 -18.39 -9.19 8.20
C LEU A 455 -18.22 -10.48 8.97
N THR A 456 -18.53 -10.49 10.27
CA THR A 456 -18.42 -11.72 11.04
C THR A 456 -19.51 -12.71 10.64
N ARG A 457 -20.73 -12.23 10.39
CA ARG A 457 -21.80 -13.11 9.92
C ARG A 457 -21.44 -13.71 8.57
N LEU A 458 -20.96 -12.88 7.64
CA LEU A 458 -20.58 -13.41 6.32
C LEU A 458 -19.44 -14.41 6.43
N HIS A 459 -18.51 -14.18 7.36
CA HIS A 459 -17.42 -15.12 7.57
C HIS A 459 -17.89 -16.40 8.24
N ASP A 460 -18.66 -16.26 9.33
CA ASP A 460 -19.11 -17.43 10.08
C ASP A 460 -20.04 -18.31 9.27
N GLU A 461 -20.82 -17.72 8.36
CA GLU A 461 -21.75 -18.46 7.53
CA GLU A 461 -21.75 -18.48 7.54
C GLU A 461 -21.12 -18.98 6.25
N ALA A 462 -19.83 -18.73 6.04
CA ALA A 462 -19.07 -19.29 4.92
C ALA A 462 -19.74 -19.03 3.58
N VAL A 463 -20.20 -17.79 3.38
CA VAL A 463 -20.79 -17.41 2.10
C VAL A 463 -19.74 -17.44 1.00
N TYR A 464 -18.51 -17.04 1.34
CA TYR A 464 -17.43 -16.94 0.38
C TYR A 464 -16.35 -17.97 0.67
N LEU A 465 -15.56 -18.27 -0.36
CA LEU A 465 -14.31 -19.02 -0.22
C LEU A 465 -13.21 -18.09 -0.70
N PRO A 466 -12.66 -17.26 0.18
CA PRO A 466 -11.59 -16.35 -0.24
C PRO A 466 -10.38 -17.14 -0.71
N ILE A 467 -9.77 -16.68 -1.80
CA ILE A 467 -8.64 -17.37 -2.42
C ILE A 467 -7.37 -16.54 -2.31
N SER A 468 -7.36 -15.34 -2.86
CA SER A 468 -6.14 -14.56 -2.98
C SER A 468 -6.44 -13.07 -2.85
N TYR A 469 -5.47 -12.34 -2.33
CA TYR A 469 -5.41 -10.89 -2.46
C TYR A 469 -4.46 -10.59 -3.62
N ILE A 470 -5.00 -10.01 -4.70
CA ILE A 470 -4.26 -9.89 -5.94
C ILE A 470 -3.65 -8.50 -6.04
N SER A 471 -2.63 -8.39 -6.89
CA SER A 471 -1.84 -7.18 -7.06
C SER A 471 -1.96 -6.65 -8.48
N MET A 472 -1.63 -5.38 -8.64
CA MET A 472 -1.42 -4.82 -9.97
C MET A 472 -0.03 -5.21 -10.47
N MET A 473 0.09 -5.39 -11.77
CA MET A 473 1.34 -5.76 -12.39
C MET A 473 1.69 -4.79 -13.51
N VAL A 474 3.00 -4.56 -13.69
CA VAL A 474 3.50 -3.63 -14.68
C VAL A 474 4.63 -4.32 -15.45
N VAL A 475 4.63 -4.15 -16.77
CA VAL A 475 5.76 -4.50 -17.62
C VAL A 475 6.02 -3.30 -18.50
N SER A 476 7.27 -2.83 -18.52
CA SER A 476 7.57 -1.60 -19.25
C SER A 476 9.00 -1.61 -19.79
N LYS A 477 9.19 -0.83 -20.85
CA LYS A 477 10.54 -0.52 -21.30
C LYS A 477 11.23 0.31 -20.22
N PRO A 478 12.51 0.02 -19.91
CA PRO A 478 13.17 0.73 -18.81
C PRO A 478 13.21 2.23 -18.95
N GLU A 479 13.20 2.77 -20.17
CA GLU A 479 13.32 4.21 -20.36
C GLU A 479 12.14 4.98 -19.80
N LEU A 480 11.02 4.31 -19.52
CA LEU A 480 9.87 4.99 -18.91
C LEU A 480 10.06 5.23 -17.43
N GLY A 481 10.99 4.54 -16.78
CA GLY A 481 11.22 4.71 -15.36
C GLY A 481 10.24 3.92 -14.51
N ASN A 482 10.27 4.23 -13.22
CA ASN A 482 9.33 3.66 -12.27
C ASN A 482 7.91 4.11 -12.61
N ILE A 483 6.98 3.16 -12.63
CA ILE A 483 5.59 3.42 -12.99
C ILE A 483 4.76 3.50 -11.71
N PRO A 484 4.13 4.64 -11.42
CA PRO A 484 3.37 4.77 -10.18
C PRO A 484 2.03 4.05 -10.24
N TYR A 485 1.46 3.82 -9.06
CA TYR A 485 0.12 3.29 -8.91
C TYR A 485 -0.83 4.39 -8.44
N ALA A 486 -2.10 4.24 -8.81
CA ALA A 486 -3.08 5.23 -8.37
C ALA A 486 -3.75 4.80 -7.08
N PRO A 487 -4.16 5.75 -6.24
CA PRO A 487 -4.93 5.38 -5.04
C PRO A 487 -6.20 4.60 -5.34
N ILE A 488 -6.87 4.91 -6.44
CA ILE A 488 -8.05 4.16 -6.87
C ILE A 488 -7.60 3.00 -7.74
N ALA A 489 -8.03 1.79 -7.39
CA ALA A 489 -7.49 0.59 -8.01
C ALA A 489 -7.83 0.49 -9.49
N THR A 490 -8.93 1.11 -9.92
CA THR A 490 -9.33 1.04 -11.32
C THR A 490 -8.73 2.14 -12.18
N GLU A 491 -7.93 3.04 -11.60
CA GLU A 491 -7.34 4.14 -12.35
C GLU A 491 -5.88 3.84 -12.67
N ILE A 492 -5.39 4.43 -13.75
CA ILE A 492 -4.00 4.31 -14.18
C ILE A 492 -3.42 5.72 -14.22
N PRO A 493 -2.40 6.01 -13.41
CA PRO A 493 -1.92 7.41 -13.27
C PRO A 493 -0.90 7.79 -14.33
N PHE A 494 -1.34 7.80 -15.59
CA PHE A 494 -0.45 8.15 -16.70
C PHE A 494 0.20 9.52 -16.49
N GLU A 495 -0.50 10.47 -15.88
CA GLU A 495 0.03 11.81 -15.69
C GLU A 495 1.17 11.86 -14.67
N GLN A 496 1.43 10.77 -13.96
CA GLN A 496 2.54 10.69 -13.02
C GLN A 496 3.76 9.97 -13.59
N ILE A 497 3.67 9.42 -14.79
CA ILE A 497 4.84 8.79 -15.40
C ILE A 497 5.81 9.87 -15.84
N LYS A 498 7.08 9.73 -15.46
CA LYS A 498 8.08 10.78 -15.63
C LYS A 498 9.38 10.22 -16.16
N PRO A 499 9.49 10.04 -17.48
CA PRO A 499 10.76 9.64 -18.09
C PRO A 499 11.68 10.83 -18.31
N PRO B 3 -12.00 15.23 24.11
CA PRO B 3 -12.93 15.32 22.97
C PRO B 3 -12.20 15.73 21.69
N ASP B 4 -11.67 16.96 21.64
CA ASP B 4 -10.71 17.36 20.64
C ASP B 4 -9.29 17.35 21.20
N GLU B 5 -9.06 16.59 22.27
CA GLU B 5 -7.74 16.38 22.86
C GLU B 5 -7.53 14.88 22.99
N ILE B 6 -6.36 14.40 22.59
CA ILE B 6 -6.06 12.97 22.65
C ILE B 6 -4.76 12.76 23.42
N THR B 7 -4.66 11.57 24.01
CA THR B 7 -3.45 11.13 24.70
C THR B 7 -2.95 9.87 24.02
N THR B 8 -1.65 9.82 23.73
CA THR B 8 -1.04 8.65 23.11
C THR B 8 0.23 8.33 23.90
N ALA B 9 1.12 7.53 23.31
CA ALA B 9 2.32 7.11 24.01
C ALA B 9 3.47 6.97 23.02
N TRP B 10 4.69 7.06 23.56
CA TRP B 10 5.93 6.81 22.83
C TRP B 10 6.95 6.28 23.82
N PRO B 11 7.90 5.44 23.37
CA PRO B 11 8.84 4.85 24.34
C PRO B 11 9.78 5.86 24.99
N VAL B 12 10.05 7.00 24.35
CA VAL B 12 10.97 8.00 24.85
C VAL B 12 10.36 9.38 24.64
N ASN B 13 10.98 10.38 25.26
CA ASN B 13 10.60 11.76 24.96
C ASN B 13 10.90 12.09 23.51
N VAL B 14 10.21 13.11 22.99
CA VAL B 14 10.40 13.50 21.60
C VAL B 14 11.74 14.16 21.34
N GLY B 15 12.45 14.58 22.39
CA GLY B 15 13.71 15.26 22.24
C GLY B 15 13.55 16.77 22.18
N PRO B 16 14.67 17.49 22.00
CA PRO B 16 14.59 18.95 21.90
C PRO B 16 13.97 19.46 20.61
N LEU B 17 13.76 18.58 19.63
CA LEU B 17 13.18 18.94 18.33
C LEU B 17 14.05 19.97 17.60
N ASN B 18 15.36 19.70 17.59
CA ASN B 18 16.27 20.34 16.65
C ASN B 18 15.98 19.76 15.27
N PRO B 19 15.58 20.56 14.27
CA PRO B 19 15.21 19.99 12.98
C PRO B 19 16.38 19.38 12.23
N HIS B 20 17.62 19.69 12.60
CA HIS B 20 18.78 19.36 11.80
C HIS B 20 19.67 18.30 12.42
N LEU B 21 19.28 17.71 13.55
CA LEU B 21 20.06 16.69 14.21
C LEU B 21 19.24 15.42 14.34
N TYR B 22 19.89 14.36 14.83
CA TYR B 22 19.33 13.01 14.82
C TYR B 22 18.97 12.62 16.26
N THR B 23 19.43 11.49 16.77
CA THR B 23 19.09 11.11 18.13
C THR B 23 19.57 12.19 19.10
N PRO B 24 18.79 12.51 20.16
CA PRO B 24 17.56 11.86 20.61
C PRO B 24 16.26 12.42 20.00
N ASN B 25 16.34 13.26 18.97
CA ASN B 25 15.13 13.76 18.33
C ASN B 25 14.38 12.61 17.68
N GLN B 26 13.07 12.56 17.91
CA GLN B 26 12.21 11.57 17.27
C GLN B 26 11.64 12.14 15.98
N MET B 27 11.75 11.35 14.90
CA MET B 27 11.46 11.87 13.56
C MET B 27 10.01 12.29 13.41
N PHE B 28 9.08 11.49 13.93
CA PHE B 28 7.66 11.85 13.80
C PHE B 28 7.38 13.20 14.44
N ALA B 29 8.07 13.52 15.53
CA ALA B 29 7.83 14.78 16.23
C ALA B 29 8.44 15.96 15.48
N GLN B 30 9.64 15.76 14.91
CA GLN B 30 10.18 16.78 14.02
C GLN B 30 9.24 17.05 12.86
N SER B 31 8.62 16.01 12.31
CA SER B 31 7.67 16.18 11.21
C SER B 31 6.38 16.85 11.65
N MET B 32 6.06 16.81 12.95
CA MET B 32 4.86 17.52 13.41
C MET B 32 5.08 19.02 13.44
N VAL B 33 6.32 19.46 13.66
CA VAL B 33 6.63 20.85 13.90
C VAL B 33 7.24 21.52 12.68
N TYR B 34 8.07 20.79 11.93
CA TYR B 34 8.82 21.34 10.82
C TYR B 34 8.32 20.77 9.50
N GLU B 35 8.45 21.57 8.45
CA GLU B 35 7.85 21.24 7.16
C GLU B 35 8.87 21.33 6.05
N PRO B 36 8.65 20.60 4.95
CA PRO B 36 9.60 20.64 3.82
C PRO B 36 9.15 21.56 2.70
N LEU B 37 10.06 21.84 1.76
CA LEU B 37 9.69 22.60 0.57
C LEU B 37 8.67 21.85 -0.28
N VAL B 38 8.80 20.53 -0.36
CA VAL B 38 7.90 19.67 -1.12
C VAL B 38 7.54 18.47 -0.25
N LYS B 39 6.34 17.95 -0.44
CA LYS B 39 5.78 16.93 0.44
C LYS B 39 5.64 15.60 -0.30
N TYR B 40 6.07 14.52 0.35
CA TYR B 40 6.08 13.20 -0.28
C TYR B 40 4.67 12.63 -0.37
N GLN B 41 4.40 11.91 -1.47
CA GLN B 41 3.11 11.28 -1.71
C GLN B 41 3.28 9.78 -1.82
N ALA B 42 2.18 9.06 -1.56
CA ALA B 42 2.23 7.60 -1.51
C ALA B 42 2.69 6.99 -2.83
N ASP B 43 2.39 7.64 -3.96
CA ASP B 43 2.78 7.09 -5.25
C ASP B 43 4.23 7.35 -5.60
N GLY B 44 5.01 7.95 -4.70
CA GLY B 44 6.40 8.23 -4.93
C GLY B 44 6.70 9.63 -5.44
N SER B 45 5.68 10.40 -5.79
CA SER B 45 5.87 11.76 -6.23
C SER B 45 5.94 12.71 -5.05
N VAL B 46 6.21 13.98 -5.33
CA VAL B 46 6.07 15.05 -4.35
C VAL B 46 5.09 16.08 -4.91
N ILE B 47 4.49 16.84 -3.99
CA ILE B 47 3.61 17.94 -4.36
C ILE B 47 4.21 19.21 -3.81
N PRO B 48 3.80 20.37 -4.33
CA PRO B 48 4.21 21.64 -3.73
C PRO B 48 3.82 21.68 -2.26
N TRP B 49 4.70 22.24 -1.43
CA TRP B 49 4.37 22.47 -0.03
C TRP B 49 4.81 23.88 0.36
N LEU B 50 5.90 24.01 1.12
CA LEU B 50 6.39 25.35 1.42
C LEU B 50 6.84 26.07 0.15
N ALA B 51 7.33 25.32 -0.84
CA ALA B 51 7.60 25.86 -2.15
C ALA B 51 6.35 25.71 -3.01
N LYS B 52 5.83 26.84 -3.49
CA LYS B 52 4.61 26.81 -4.30
C LYS B 52 4.87 26.26 -5.70
N SER B 53 6.05 26.53 -6.25
CA SER B 53 6.40 26.10 -7.59
C SER B 53 7.92 26.13 -7.73
N TRP B 54 8.42 25.59 -8.83
CA TRP B 54 9.84 25.58 -9.06
C TRP B 54 10.13 25.34 -10.54
N THR B 55 11.28 25.85 -10.98
CA THR B 55 11.84 25.57 -12.29
C THR B 55 13.26 25.05 -12.09
N HIS B 56 13.81 24.44 -13.14
CA HIS B 56 15.19 24.01 -13.11
C HIS B 56 15.83 24.28 -14.47
N SER B 57 17.16 24.28 -14.47
CA SER B 57 17.89 24.59 -15.67
C SER B 57 17.93 23.39 -16.62
N GLU B 58 18.37 23.67 -17.84
CA GLU B 58 18.83 22.68 -18.81
C GLU B 58 19.69 21.63 -18.11
N ASP B 59 20.57 22.08 -17.21
CA ASP B 59 21.51 21.19 -16.55
C ASP B 59 20.79 20.13 -15.73
N GLY B 60 19.66 20.49 -15.13
CA GLY B 60 19.17 19.76 -13.98
C GLY B 60 19.94 20.04 -12.72
N LYS B 61 20.88 20.99 -12.77
CA LYS B 61 21.77 21.28 -11.65
C LYS B 61 21.39 22.54 -10.87
N THR B 62 20.66 23.48 -11.48
CA THR B 62 20.27 24.71 -10.83
C THR B 62 18.76 24.74 -10.71
N TRP B 63 18.26 24.82 -9.47
CA TRP B 63 16.84 24.82 -9.18
C TRP B 63 16.44 26.11 -8.50
N THR B 64 15.31 26.67 -8.90
CA THR B 64 14.80 27.93 -8.35
C THR B 64 13.38 27.69 -7.86
N PHE B 65 13.19 27.75 -6.55
CA PHE B 65 11.89 27.53 -5.92
C PHE B 65 11.23 28.87 -5.65
N THR B 66 9.95 28.98 -6.01
CA THR B 66 9.12 30.10 -5.59
C THR B 66 8.36 29.66 -4.35
N LEU B 67 8.65 30.30 -3.21
CA LEU B 67 8.03 29.91 -1.97
C LEU B 67 6.66 30.54 -1.83
N ARG B 68 5.80 29.89 -1.04
CA ARG B 68 4.58 30.54 -0.61
C ARG B 68 4.92 31.82 0.14
N ASP B 69 4.06 32.82 -0.01
CA ASP B 69 4.26 34.11 0.66
C ASP B 69 3.34 34.30 1.86
N ASP B 70 2.58 33.27 2.24
CA ASP B 70 1.58 33.38 3.30
C ASP B 70 1.93 32.55 4.52
N VAL B 71 3.18 32.11 4.65
CA VAL B 71 3.57 31.15 5.67
C VAL B 71 4.31 31.86 6.80
N LYS B 72 3.90 31.60 8.03
CA LYS B 72 4.56 32.13 9.22
C LYS B 72 5.01 30.98 10.11
N PHE B 73 6.17 31.16 10.74
CA PHE B 73 6.52 30.29 11.86
C PHE B 73 5.51 30.49 12.99
N SER B 74 5.45 29.51 13.90
CA SER B 74 4.43 29.55 14.93
C SER B 74 4.56 30.77 15.86
N ASN B 75 5.67 31.48 15.83
CA ASN B 75 5.82 32.72 16.59
C ASN B 75 5.48 33.96 15.76
N GLY B 76 4.86 33.78 14.58
CA GLY B 76 4.48 34.88 13.74
C GLY B 76 5.55 35.36 12.78
N GLU B 77 6.80 34.94 12.97
CA GLU B 77 7.87 35.41 12.11
C GLU B 77 7.72 34.83 10.71
N PRO B 78 8.11 35.58 9.68
CA PRO B 78 7.84 35.13 8.30
C PRO B 78 8.76 33.99 7.88
N PHE B 79 8.21 33.05 7.14
CA PHE B 79 9.00 32.09 6.37
C PHE B 79 9.23 32.69 5.00
N ASP B 80 10.48 33.00 4.69
CA ASP B 80 10.84 33.57 3.39
C ASP B 80 12.11 32.90 2.90
N ALA B 81 12.57 33.32 1.72
CA ALA B 81 13.74 32.70 1.11
C ALA B 81 14.99 32.89 1.95
N GLU B 82 15.09 34.01 2.66
CA GLU B 82 16.24 34.21 3.53
C GLU B 82 16.23 33.22 4.70
N ALA B 83 15.06 32.99 5.29
CA ALA B 83 14.96 32.00 6.36
C ALA B 83 15.30 30.61 5.84
N ALA B 84 14.82 30.26 4.64
CA ALA B 84 15.13 28.95 4.07
C ALA B 84 16.62 28.82 3.78
N ALA B 85 17.24 29.85 3.21
CA ALA B 85 18.67 29.79 2.91
C ALA B 85 19.49 29.69 4.18
N GLU B 86 19.08 30.39 5.25
CA GLU B 86 19.78 30.30 6.52
C GLU B 86 19.74 28.88 7.08
N ASN B 87 18.60 28.20 6.90
CA ASN B 87 18.48 26.82 7.38
C ASN B 87 19.39 25.88 6.61
N PHE B 88 19.44 26.01 5.28
CA PHE B 88 20.35 25.19 4.50
C PHE B 88 21.79 25.42 4.91
N ARG B 89 22.17 26.68 5.13
CA ARG B 89 23.52 26.97 5.61
C ARG B 89 23.79 26.27 6.94
N ALA B 90 22.85 26.34 7.86
CA ALA B 90 23.03 25.72 9.17
C ALA B 90 23.17 24.21 9.06
N VAL B 91 22.40 23.59 8.17
CA VAL B 91 22.52 22.16 7.95
C VAL B 91 23.89 21.82 7.36
N LEU B 92 24.27 22.52 6.30
CA LEU B 92 25.48 22.17 5.58
C LEU B 92 26.76 22.57 6.33
N ASP B 93 26.65 23.42 7.34
CA ASP B 93 27.77 23.62 8.25
C ASP B 93 28.12 22.36 9.02
N ASN B 94 27.23 21.38 9.01
CA ASN B 94 27.42 20.07 9.65
C ASN B 94 27.38 18.96 8.61
N ARG B 95 27.92 19.23 7.41
CA ARG B 95 27.65 18.42 6.22
C ARG B 95 28.04 16.96 6.43
N GLN B 96 29.18 16.72 7.08
CA GLN B 96 29.69 15.37 7.28
C GLN B 96 28.74 14.50 8.09
N ARG B 97 27.96 15.12 8.99
CA ARG B 97 26.96 14.37 9.74
C ARG B 97 25.81 13.89 8.86
N HIS B 98 25.63 14.50 7.68
CA HIS B 98 24.55 14.15 6.78
C HIS B 98 25.04 13.43 5.52
N ALA B 99 26.28 12.94 5.52
CA ALA B 99 26.86 12.38 4.30
C ALA B 99 26.20 11.07 3.89
N TRP B 100 25.52 10.38 4.82
CA TRP B 100 24.72 9.22 4.44
C TRP B 100 23.64 9.58 3.44
N LEU B 101 23.21 10.84 3.42
CA LEU B 101 22.17 11.32 2.51
C LEU B 101 22.87 12.08 1.39
N GLU B 102 22.76 11.56 0.16
CA GLU B 102 23.62 12.05 -0.93
C GLU B 102 23.29 13.49 -1.30
N LEU B 103 22.07 13.96 -1.07
CA LEU B 103 21.76 15.36 -1.36
C LEU B 103 22.65 16.30 -0.56
N ALA B 104 22.98 15.92 0.68
CA ALA B 104 23.86 16.74 1.49
C ALA B 104 25.25 16.88 0.86
N ASN B 105 25.66 15.90 0.07
CA ASN B 105 26.92 15.97 -0.66
C ASN B 105 26.78 16.67 -2.01
N GLN B 106 25.56 16.84 -2.49
CA GLN B 106 25.33 17.39 -3.83
C GLN B 106 25.16 18.89 -3.86
N ILE B 107 24.70 19.49 -2.76
CA ILE B 107 24.39 20.92 -2.74
C ILE B 107 25.70 21.71 -2.64
N VAL B 108 25.92 22.61 -3.59
CA VAL B 108 27.10 23.47 -3.55
C VAL B 108 26.74 24.86 -3.06
N ASP B 109 25.51 25.29 -3.33
CA ASP B 109 25.14 26.67 -3.02
C ASP B 109 23.63 26.79 -2.88
N VAL B 110 23.21 27.60 -1.91
CA VAL B 110 21.81 27.96 -1.73
C VAL B 110 21.75 29.47 -1.54
N LYS B 111 20.92 30.14 -2.35
CA LYS B 111 20.86 31.59 -2.39
C LYS B 111 19.42 32.07 -2.38
N ALA B 112 19.14 33.06 -1.56
CA ALA B 112 17.87 33.78 -1.61
C ALA B 112 18.00 34.87 -2.67
N LEU B 113 17.33 34.69 -3.81
CA LEU B 113 17.37 35.69 -4.86
C LEU B 113 16.42 36.84 -4.58
N SER B 114 15.33 36.58 -3.85
CA SER B 114 14.39 37.60 -3.43
C SER B 114 13.71 37.10 -2.15
N LYS B 115 12.65 37.79 -1.74
CA LYS B 115 11.89 37.33 -0.58
C LYS B 115 11.25 35.98 -0.83
N THR B 116 10.92 35.68 -2.07
CA THR B 116 10.16 34.48 -2.41
C THR B 116 10.89 33.49 -3.30
N GLU B 117 12.08 33.83 -3.78
CA GLU B 117 12.80 33.00 -4.74
C GLU B 117 14.06 32.42 -4.09
N LEU B 118 14.16 31.10 -4.09
CA LEU B 118 15.26 30.37 -3.45
C LEU B 118 15.95 29.52 -4.50
N GLN B 119 17.25 29.76 -4.70
CA GLN B 119 18.02 29.06 -5.72
C GLN B 119 18.94 28.05 -5.06
N ILE B 120 18.89 26.81 -5.52
CA ILE B 120 19.74 25.73 -5.03
C ILE B 120 20.53 25.18 -6.20
N THR B 121 21.85 25.12 -6.05
CA THR B 121 22.74 24.60 -7.08
C THR B 121 23.29 23.25 -6.62
N LEU B 122 23.29 22.28 -7.53
CA LEU B 122 23.78 20.94 -7.25
C LEU B 122 25.01 20.66 -8.11
N LYS B 123 25.86 19.72 -7.64
CA LYS B 123 27.02 19.34 -8.42
C LYS B 123 26.63 18.51 -9.65
N SER B 124 25.59 17.67 -9.51
CA SER B 124 25.13 16.83 -10.60
C SER B 124 23.60 16.87 -10.65
N ALA B 125 23.05 16.25 -11.69
CA ALA B 125 21.60 16.20 -11.90
C ALA B 125 21.05 15.05 -11.06
N TYR B 126 20.84 15.35 -9.78
CA TYR B 126 20.54 14.33 -8.76
C TYR B 126 19.07 13.94 -8.84
N TYR B 127 18.79 12.70 -9.22
CA TYR B 127 17.42 12.26 -9.48
C TYR B 127 16.53 12.20 -8.24
N PRO B 128 17.04 11.84 -7.04
CA PRO B 128 16.14 11.85 -5.87
C PRO B 128 16.13 13.17 -5.13
N PHE B 129 16.47 14.27 -5.82
CA PHE B 129 16.55 15.59 -5.20
C PHE B 129 15.29 15.94 -4.42
N LEU B 130 14.14 15.97 -5.11
CA LEU B 130 12.90 16.40 -4.46
C LEU B 130 12.49 15.45 -3.34
N GLN B 131 12.65 14.14 -3.56
CA GLN B 131 12.25 13.18 -2.53
C GLN B 131 13.06 13.34 -1.25
N GLU B 132 14.34 13.71 -1.38
CA GLU B 132 15.15 13.88 -0.19
C GLU B 132 14.90 15.23 0.49
N LEU B 133 14.46 16.23 -0.28
CA LEU B 133 13.99 17.46 0.35
C LEU B 133 12.74 17.22 1.18
N ALA B 134 11.98 16.17 0.86
CA ALA B 134 10.72 15.87 1.54
C ALA B 134 10.92 15.09 2.83
N LEU B 135 12.14 14.65 3.13
CA LEU B 135 12.37 13.79 4.28
C LEU B 135 12.10 14.54 5.59
N PRO B 136 11.76 13.81 6.65
CA PRO B 136 11.55 14.47 7.95
C PRO B 136 12.73 15.31 8.40
N ARG B 137 13.96 14.92 8.06
CA ARG B 137 15.16 15.64 8.43
C ARG B 137 16.25 15.27 7.45
N PRO B 138 17.25 16.13 7.22
CA PRO B 138 17.50 17.40 7.93
C PRO B 138 16.99 18.68 7.25
N PHE B 139 16.36 18.61 6.08
CA PHE B 139 16.10 19.82 5.29
C PHE B 139 14.73 20.40 5.56
N ARG B 140 14.40 20.64 6.82
CA ARG B 140 13.20 21.37 7.20
C ARG B 140 13.61 22.59 8.04
N PHE B 141 12.65 23.46 8.32
CA PHE B 141 12.96 24.86 8.58
C PHE B 141 12.50 25.31 9.97
N ILE B 142 13.46 25.77 10.78
CA ILE B 142 13.22 26.41 12.06
C ILE B 142 13.39 27.91 11.86
N ALA B 143 12.68 28.70 12.66
CA ALA B 143 12.85 30.15 12.59
C ALA B 143 14.30 30.51 12.90
N PRO B 144 14.97 31.26 12.04
CA PRO B 144 16.38 31.60 12.28
C PRO B 144 16.62 32.36 13.58
N SER B 145 15.59 33.01 14.14
CA SER B 145 15.76 33.66 15.44
C SER B 145 16.06 32.66 16.55
N GLN B 146 15.83 31.37 16.31
CA GLN B 146 16.10 30.34 17.31
C GLN B 146 17.42 29.62 17.06
N PHE B 147 18.19 30.02 16.07
CA PHE B 147 19.57 29.58 15.97
C PHE B 147 20.33 29.98 17.24
N LYS B 148 21.41 29.26 17.52
CA LYS B 148 22.37 29.66 18.54
C LYS B 148 23.67 30.04 17.84
N ASN B 149 24.05 31.31 17.95
CA ASN B 149 25.25 31.83 17.29
C ASN B 149 25.24 31.55 15.79
N HIS B 150 24.08 31.76 15.18
CA HIS B 150 23.87 31.60 13.73
C HIS B 150 24.05 30.16 13.28
N GLU B 151 23.92 29.19 14.18
CA GLU B 151 24.06 27.78 13.85
C GLU B 151 22.93 26.99 14.51
N THR B 152 22.75 25.75 14.04
CA THR B 152 21.89 24.79 14.71
C THR B 152 22.61 23.53 15.17
N MET B 153 23.82 23.27 14.65
CA MET B 153 24.51 22.02 14.94
C MET B 153 24.90 21.90 16.41
N ASN B 154 24.98 23.01 17.13
CA ASN B 154 25.35 23.00 18.55
C ASN B 154 24.14 23.18 19.46
N GLY B 155 22.93 23.18 18.90
CA GLY B 155 21.72 23.39 19.66
C GLY B 155 20.89 24.53 19.11
N ILE B 156 19.66 24.60 19.61
CA ILE B 156 18.70 25.62 19.25
C ILE B 156 18.11 26.21 20.52
N LYS B 157 17.35 27.29 20.36
CA LYS B 157 16.62 27.86 21.47
C LYS B 157 15.25 27.20 21.56
N ALA B 158 14.21 27.83 20.99
CA ALA B 158 12.93 27.15 21.00
C ALA B 158 12.67 26.46 19.67
N PRO B 159 11.99 25.31 19.66
CA PRO B 159 11.78 24.57 18.40
C PRO B 159 10.62 25.12 17.57
N ILE B 160 10.86 26.29 16.98
CA ILE B 160 9.81 27.05 16.30
C ILE B 160 9.80 26.70 14.82
N GLY B 161 8.77 25.96 14.38
CA GLY B 161 8.58 25.62 13.00
C GLY B 161 7.34 26.26 12.40
N THR B 162 7.05 25.85 11.16
CA THR B 162 5.86 26.31 10.44
C THR B 162 4.72 25.30 10.51
N GLY B 163 4.94 24.14 11.10
CA GLY B 163 4.02 23.03 11.00
C GLY B 163 2.77 23.22 11.83
N PRO B 164 1.85 22.26 11.70
CA PRO B 164 0.54 22.38 12.34
C PRO B 164 0.53 22.10 13.84
N TRP B 165 1.66 21.69 14.42
CA TRP B 165 1.73 21.42 15.85
C TRP B 165 2.86 22.20 16.48
N ILE B 166 2.65 22.56 17.76
CA ILE B 166 3.61 23.33 18.55
C ILE B 166 3.92 22.52 19.81
N LEU B 167 5.21 22.31 20.07
CA LEU B 167 5.61 21.67 21.32
C LEU B 167 5.39 22.65 22.46
N GLN B 168 4.44 22.34 23.34
CA GLN B 168 4.12 23.22 24.46
C GLN B 168 4.93 22.92 25.70
N GLU B 169 5.14 21.65 26.02
CA GLU B 169 5.73 21.28 27.29
C GLU B 169 6.37 19.91 27.19
N SER B 170 7.50 19.74 27.87
CA SER B 170 8.21 18.46 27.92
C SER B 170 8.67 18.21 29.35
N LYS B 171 8.48 16.98 29.81
CA LYS B 171 8.96 16.56 31.13
C LYS B 171 9.67 15.22 30.96
N LEU B 172 10.95 15.20 31.29
CA LEU B 172 11.81 14.06 31.00
C LEU B 172 11.25 12.79 31.63
N ASN B 173 11.16 11.73 30.82
CA ASN B 173 10.69 10.40 31.21
C ASN B 173 9.22 10.40 31.64
N GLN B 174 8.49 11.47 31.37
CA GLN B 174 7.08 11.54 31.76
C GLN B 174 6.16 11.82 30.58
N TYR B 175 6.29 12.98 29.92
CA TYR B 175 5.37 13.30 28.85
C TYR B 175 5.92 14.43 27.99
N ASP B 176 5.30 14.59 26.81
CA ASP B 176 5.44 15.74 25.94
C ASP B 176 4.05 16.17 25.52
N VAL B 177 3.81 17.47 25.47
CA VAL B 177 2.50 18.01 25.11
C VAL B 177 2.66 18.89 23.88
N PHE B 178 1.83 18.64 22.86
CA PHE B 178 1.72 19.50 21.69
C PHE B 178 0.34 20.13 21.66
N VAL B 179 0.26 21.34 21.09
CA VAL B 179 -1.01 21.99 20.84
C VAL B 179 -1.07 22.37 19.37
N ARG B 180 -2.30 22.45 18.85
CA ARG B 180 -2.52 22.87 17.48
C ARG B 180 -1.96 24.28 17.26
N ASN B 181 -1.35 24.49 16.10
CA ASN B 181 -0.88 25.81 15.70
C ASN B 181 -2.05 26.58 15.11
N GLU B 182 -2.57 27.55 15.87
CA GLU B 182 -3.77 28.27 15.43
C GLU B 182 -3.51 29.21 14.27
N ASN B 183 -2.24 29.47 13.93
CA ASN B 183 -1.90 30.31 12.78
C ASN B 183 -1.18 29.52 11.70
N TYR B 184 -1.54 28.24 11.56
CA TYR B 184 -0.97 27.40 10.53
C TYR B 184 -1.41 27.87 9.15
N TRP B 185 -0.52 27.80 8.17
CA TRP B 185 -0.84 28.30 6.83
C TRP B 185 -1.82 27.39 6.11
N GLY B 186 -1.86 26.10 6.46
CA GLY B 186 -2.68 25.13 5.77
C GLY B 186 -3.97 24.83 6.50
N GLU B 187 -4.43 23.59 6.36
CA GLU B 187 -5.69 23.20 6.97
C GLU B 187 -5.52 23.02 8.48
N LYS B 188 -6.49 23.53 9.22
CA LYS B 188 -6.47 23.42 10.67
C LYS B 188 -6.77 21.98 11.08
N PRO B 189 -5.93 21.36 11.92
CA PRO B 189 -6.27 20.03 12.43
C PRO B 189 -7.52 20.08 13.29
N ALA B 190 -8.29 18.99 13.27
CA ALA B 190 -9.44 18.90 14.14
C ALA B 190 -9.04 18.72 15.60
N ILE B 191 -7.90 18.07 15.85
CA ILE B 191 -7.42 17.87 17.21
C ILE B 191 -6.65 19.10 17.67
N LYS B 192 -6.92 19.54 18.91
CA LYS B 192 -6.30 20.73 19.49
C LYS B 192 -5.08 20.41 20.36
N LYS B 193 -5.10 19.31 21.09
CA LYS B 193 -3.99 18.99 21.99
C LYS B 193 -3.68 17.50 21.91
N ILE B 194 -2.38 17.18 21.90
CA ILE B 194 -1.91 15.80 21.90
C ILE B 194 -0.88 15.67 23.02
N THR B 195 -1.12 14.72 23.93
CA THR B 195 -0.21 14.42 25.02
C THR B 195 0.44 13.06 24.78
N PHE B 196 1.77 13.02 24.79
CA PHE B 196 2.52 11.78 24.62
C PHE B 196 3.00 11.32 25.99
N ASN B 197 2.47 10.20 26.47
CA ASN B 197 2.98 9.59 27.69
C ASN B 197 4.19 8.74 27.37
N VAL B 198 5.28 8.94 28.10
CA VAL B 198 6.52 8.20 27.86
C VAL B 198 6.37 6.81 28.49
N ILE B 199 6.18 5.80 27.65
CA ILE B 199 5.93 4.43 28.11
C ILE B 199 6.87 3.47 27.36
N PRO B 200 8.01 3.09 27.95
CA PRO B 200 8.99 2.29 27.20
C PRO B 200 8.58 0.85 26.94
N ASP B 201 7.74 0.26 27.81
CA ASP B 201 7.39 -1.17 27.78
C ASP B 201 6.19 -1.40 26.86
N PRO B 202 6.28 -2.35 25.91
CA PRO B 202 5.10 -2.62 25.05
C PRO B 202 3.92 -3.20 25.82
N THR B 203 4.17 -4.02 26.84
CA THR B 203 3.06 -4.54 27.65
C THR B 203 2.38 -3.41 28.42
N THR B 204 3.17 -2.46 28.92
CA THR B 204 2.60 -1.31 29.62
C THR B 204 1.84 -0.39 28.67
N ARG B 205 2.30 -0.26 27.43
CA ARG B 205 1.52 0.50 26.45
C ARG B 205 0.17 -0.14 26.21
N ALA B 206 0.12 -1.47 26.15
CA ALA B 206 -1.16 -2.17 25.99
C ALA B 206 -2.07 -1.92 27.18
N VAL B 207 -1.54 -1.94 28.40
CA VAL B 207 -2.34 -1.69 29.58
C VAL B 207 -2.90 -0.28 29.55
N ALA B 208 -2.04 0.69 29.22
CA ALA B 208 -2.47 2.09 29.20
C ALA B 208 -3.62 2.29 28.23
N PHE B 209 -3.63 1.57 27.11
CA PHE B 209 -4.78 1.64 26.22
C PHE B 209 -5.99 0.94 26.84
N GLU B 210 -5.80 -0.25 27.39
CA GLU B 210 -6.91 -1.02 27.94
C GLU B 210 -7.67 -0.23 28.99
N THR B 211 -6.96 0.50 29.84
CA THR B 211 -7.59 1.28 30.90
C THR B 211 -8.23 2.56 30.38
N GLY B 212 -7.98 2.94 29.13
CA GLY B 212 -8.44 4.22 28.63
C GLY B 212 -7.54 5.39 28.99
N ASP B 213 -6.38 5.12 29.61
CA ASP B 213 -5.45 6.21 29.93
C ASP B 213 -4.94 6.89 28.68
N ILE B 214 -4.76 6.14 27.58
CA ILE B 214 -4.38 6.70 26.30
C ILE B 214 -5.44 6.32 25.27
N ASP B 215 -5.54 7.15 24.23
CA ASP B 215 -6.58 7.00 23.22
C ASP B 215 -6.11 6.33 21.94
N LEU B 216 -4.80 6.21 21.75
CA LEU B 216 -4.26 5.88 20.44
C LEU B 216 -2.86 5.31 20.57
N LEU B 217 -2.59 4.24 19.81
CA LEU B 217 -1.24 3.71 19.64
C LEU B 217 -0.99 3.56 18.15
N TYR B 218 0.20 3.96 17.72
CA TYR B 218 0.55 3.98 16.30
C TYR B 218 2.04 3.69 16.19
N GLY B 219 2.39 2.61 15.50
CA GLY B 219 3.79 2.22 15.42
C GLY B 219 3.97 0.93 14.65
N ASN B 220 5.19 0.40 14.72
CA ASN B 220 5.56 -0.79 13.94
C ASN B 220 5.27 -2.04 14.76
N GLU B 221 5.94 -3.15 14.44
CA GLU B 221 5.62 -4.45 15.02
C GLU B 221 5.99 -4.55 16.50
N GLY B 222 6.80 -3.63 17.02
CA GLY B 222 7.08 -3.59 18.44
C GLY B 222 6.16 -2.69 19.24
N LEU B 223 5.07 -2.21 18.64
CA LEU B 223 4.20 -1.25 19.33
C LEU B 223 3.60 -1.84 20.60
N LEU B 224 3.12 -3.07 20.52
CA LEU B 224 2.54 -3.76 21.67
C LEU B 224 2.65 -5.26 21.41
N PRO B 225 2.46 -6.09 22.43
CA PRO B 225 2.53 -7.54 22.20
C PRO B 225 1.56 -7.96 21.12
N LEU B 226 2.04 -8.78 20.19
CA LEU B 226 1.24 -9.09 19.01
C LEU B 226 0.10 -10.06 19.33
N ASP B 227 0.24 -10.89 20.37
CA ASP B 227 -0.89 -11.70 20.79
C ASP B 227 -1.95 -10.84 21.48
N THR B 228 -1.51 -9.83 22.24
CA THR B 228 -2.46 -8.87 22.80
C THR B 228 -3.18 -8.11 21.68
N PHE B 229 -2.43 -7.69 20.66
CA PHE B 229 -3.03 -7.00 19.52
C PHE B 229 -4.10 -7.86 18.86
N ALA B 230 -3.82 -9.15 18.68
CA ALA B 230 -4.82 -10.04 18.09
C ALA B 230 -6.08 -10.09 18.93
N ARG B 231 -5.94 -10.18 20.26
CA ARG B 231 -7.11 -10.16 21.13
C ARG B 231 -7.85 -8.84 21.02
N PHE B 232 -7.11 -7.73 20.96
CA PHE B 232 -7.73 -6.41 20.77
C PHE B 232 -8.58 -6.38 19.50
N SER B 233 -8.08 -6.98 18.41
CA SER B 233 -8.80 -6.93 17.14
C SER B 233 -10.13 -7.66 17.21
N GLN B 234 -10.29 -8.59 18.13
CA GLN B 234 -11.54 -9.32 18.30
C GLN B 234 -12.48 -8.67 19.31
N ASN B 235 -12.06 -7.59 19.96
CA ASN B 235 -12.85 -6.92 20.98
C ASN B 235 -13.58 -5.74 20.35
N PRO B 236 -14.93 -5.77 20.29
CA PRO B 236 -15.66 -4.66 19.66
C PRO B 236 -15.57 -3.34 20.41
N ALA B 237 -15.08 -3.32 21.65
CA ALA B 237 -14.90 -2.07 22.36
C ALA B 237 -13.65 -1.32 21.92
N TYR B 238 -12.76 -1.97 21.19
CA TYR B 238 -11.53 -1.37 20.68
C TYR B 238 -11.59 -1.30 19.15
N HIS B 239 -10.66 -0.53 18.58
CA HIS B 239 -10.44 -0.50 17.14
C HIS B 239 -8.97 -0.81 16.87
N THR B 240 -8.72 -1.68 15.90
CA THR B 240 -7.36 -2.05 15.52
C THR B 240 -7.21 -1.92 14.01
N GLN B 241 -5.96 -1.71 13.58
CA GLN B 241 -5.63 -1.62 12.17
C GLN B 241 -4.25 -2.23 11.94
N LEU B 242 -4.06 -2.75 10.74
CA LEU B 242 -2.83 -3.41 10.31
C LEU B 242 -2.60 -3.01 8.87
N SER B 243 -1.55 -2.22 8.62
CA SER B 243 -1.34 -1.72 7.26
C SER B 243 -0.73 -2.81 6.38
N GLN B 244 -0.58 -2.49 5.10
CA GLN B 244 0.25 -3.29 4.21
CA GLN B 244 0.23 -3.32 4.24
C GLN B 244 1.71 -3.11 4.60
N PRO B 245 2.56 -4.10 4.32
CA PRO B 245 3.96 -4.02 4.77
C PRO B 245 4.66 -2.74 4.35
N ILE B 246 5.57 -2.26 5.20
CA ILE B 246 6.23 -0.98 4.98
C ILE B 246 7.74 -1.14 4.86
N GLU B 247 8.32 -2.18 5.46
CA GLU B 247 9.76 -2.35 5.45
C GLU B 247 10.12 -3.78 5.82
N THR B 248 11.41 -4.10 5.66
CA THR B 248 11.92 -5.44 5.91
C THR B 248 12.63 -5.51 7.27
N VAL B 249 12.42 -6.62 7.97
CA VAL B 249 13.20 -6.97 9.15
C VAL B 249 14.04 -8.19 8.78
N MET B 250 15.32 -8.15 9.14
CA MET B 250 16.27 -9.16 8.69
CA MET B 250 16.27 -9.16 8.69
C MET B 250 17.42 -9.25 9.67
N LEU B 251 18.25 -10.28 9.47
CA LEU B 251 19.55 -10.35 10.13
C LEU B 251 20.60 -9.84 9.16
N ALA B 252 21.55 -9.08 9.67
CA ALA B 252 22.75 -8.72 8.92
C ALA B 252 23.87 -9.66 9.33
N LEU B 253 24.50 -10.31 8.35
CA LEU B 253 25.58 -11.26 8.57
C LEU B 253 26.90 -10.59 8.24
N ASN B 254 27.86 -10.66 9.17
CA ASN B 254 29.14 -10.00 8.99
C ASN B 254 30.02 -10.84 8.07
N THR B 255 30.17 -10.39 6.82
CA THR B 255 31.01 -11.07 5.85
C THR B 255 32.50 -10.95 6.16
N ALA B 256 32.88 -10.17 7.16
CA ALA B 256 34.28 -9.93 7.48
C ALA B 256 34.76 -10.67 8.71
N LYS B 257 33.91 -11.49 9.34
CA LYS B 257 34.26 -12.18 10.58
C LYS B 257 33.89 -13.66 10.45
N ALA B 258 34.80 -14.52 10.90
CA ALA B 258 34.52 -15.95 10.92
C ALA B 258 33.38 -16.23 11.90
N PRO B 259 32.50 -17.20 11.59
CA PRO B 259 32.51 -17.99 10.35
C PRO B 259 31.58 -17.44 9.28
N THR B 260 30.92 -16.31 9.56
CA THR B 260 30.04 -15.72 8.55
C THR B 260 30.80 -15.10 7.38
N ASN B 261 32.13 -15.10 7.41
CA ASN B 261 32.89 -14.67 6.25
C ASN B 261 32.79 -15.66 5.09
N GLU B 262 32.34 -16.89 5.36
CA GLU B 262 32.24 -17.93 4.34
C GLU B 262 30.87 -17.85 3.68
N LEU B 263 30.86 -17.75 2.35
CA LEU B 263 29.60 -17.68 1.60
C LEU B 263 28.74 -18.91 1.88
N ALA B 264 29.33 -20.10 1.89
CA ALA B 264 28.56 -21.32 2.12
C ALA B 264 27.90 -21.31 3.49
N VAL B 265 28.55 -20.73 4.50
CA VAL B 265 27.93 -20.64 5.82
C VAL B 265 26.73 -19.69 5.77
N ARG B 266 26.90 -18.52 5.14
CA ARG B 266 25.81 -17.57 5.03
C ARG B 266 24.63 -18.15 4.25
N GLU B 267 24.91 -18.90 3.19
CA GLU B 267 23.83 -19.54 2.45
C GLU B 267 23.11 -20.58 3.30
N ALA B 268 23.87 -21.37 4.07
CA ALA B 268 23.26 -22.39 4.92
C ALA B 268 22.37 -21.76 5.99
N LEU B 269 22.82 -20.63 6.57
CA LEU B 269 21.99 -19.93 7.53
C LEU B 269 20.66 -19.50 6.91
N ASN B 270 20.70 -19.03 5.66
CA ASN B 270 19.49 -18.61 4.96
C ASN B 270 18.56 -19.76 4.64
N TYR B 271 19.03 -21.01 4.71
CA TYR B 271 18.17 -22.17 4.51
C TYR B 271 17.68 -22.78 5.82
N ALA B 272 18.22 -22.34 6.97
CA ALA B 272 17.98 -23.01 8.24
C ALA B 272 16.74 -22.53 8.97
N VAL B 273 16.27 -21.31 8.69
CA VAL B 273 15.20 -20.70 9.46
C VAL B 273 13.85 -21.02 8.82
N ASN B 274 12.94 -21.58 9.61
CA ASN B 274 11.54 -21.70 9.21
C ASN B 274 10.87 -20.37 9.51
N LYS B 275 10.89 -19.47 8.53
CA LYS B 275 10.36 -18.13 8.73
C LYS B 275 8.86 -18.17 8.96
N LYS B 276 8.17 -19.07 8.26
CA LYS B 276 6.73 -19.24 8.44
C LYS B 276 6.39 -19.56 9.89
N SER B 277 7.12 -20.50 10.49
CA SER B 277 6.87 -20.84 11.89
C SER B 277 7.32 -19.72 12.82
N LEU B 278 8.43 -19.06 12.49
CA LEU B 278 8.90 -17.94 13.31
C LEU B 278 7.84 -16.85 13.40
N ILE B 279 7.21 -16.53 12.29
CA ILE B 279 6.20 -15.47 12.27
C ILE B 279 4.96 -15.92 13.02
N ASP B 280 4.58 -17.20 12.89
CA ASP B 280 3.43 -17.69 13.63
C ASP B 280 3.69 -17.71 15.13
N ASN B 281 4.93 -17.98 15.54
CA ASN B 281 5.25 -18.10 16.95
C ASN B 281 5.63 -16.77 17.59
N ALA B 282 6.66 -16.10 17.04
CA ALA B 282 7.13 -14.86 17.64
C ALA B 282 6.27 -13.67 17.26
N LEU B 283 5.65 -13.69 16.09
CA LEU B 283 4.87 -12.56 15.59
C LEU B 283 3.38 -12.85 15.54
N TYR B 284 2.95 -13.99 16.10
CA TYR B 284 1.54 -14.35 16.20
C TYR B 284 0.83 -14.25 14.85
N GLY B 285 1.56 -14.57 13.77
CA GLY B 285 0.99 -14.61 12.44
C GLY B 285 0.57 -13.28 11.86
N THR B 286 1.07 -12.17 12.41
CA THR B 286 0.62 -10.84 12.01
C THR B 286 1.43 -10.22 10.88
N GLN B 287 2.57 -10.80 10.51
CA GLN B 287 3.46 -10.23 9.50
C GLN B 287 3.63 -11.20 8.34
N GLN B 288 4.35 -10.76 7.32
CA GLN B 288 4.60 -11.54 6.11
C GLN B 288 6.02 -12.09 6.09
N VAL B 289 6.19 -13.24 5.45
CA VAL B 289 7.51 -13.82 5.28
C VAL B 289 8.30 -13.02 4.23
N ALA B 290 9.56 -12.76 4.52
CA ALA B 290 10.44 -12.02 3.61
C ALA B 290 11.46 -12.97 2.98
N ASP B 291 11.60 -12.90 1.66
CA ASP B 291 12.62 -13.66 0.95
C ASP B 291 13.80 -12.82 0.51
N THR B 292 13.61 -11.51 0.35
CA THR B 292 14.65 -10.64 -0.19
C THR B 292 14.78 -9.39 0.69
N LEU B 293 15.94 -8.74 0.56
CA LEU B 293 16.20 -7.50 1.28
C LEU B 293 15.06 -6.51 1.12
N PHE B 294 14.59 -6.32 -0.10
CA PHE B 294 13.43 -5.49 -0.40
C PHE B 294 12.32 -6.35 -0.95
N ALA B 295 11.09 -6.10 -0.49
CA ALA B 295 9.93 -6.78 -1.04
C ALA B 295 9.83 -6.49 -2.53
N PRO B 296 9.24 -7.42 -3.30
CA PRO B 296 9.08 -7.17 -4.75
C PRO B 296 8.31 -5.91 -5.08
N SER B 297 7.48 -5.42 -4.15
CA SER B 297 6.69 -4.21 -4.40
C SER B 297 7.50 -2.93 -4.25
N VAL B 298 8.73 -3.02 -3.77
CA VAL B 298 9.57 -1.83 -3.60
C VAL B 298 10.05 -1.36 -4.97
N PRO B 299 10.12 -0.04 -5.21
CA PRO B 299 10.62 0.45 -6.50
C PRO B 299 11.97 -0.15 -6.85
N TYR B 300 12.10 -0.59 -8.10
CA TYR B 300 13.32 -1.12 -8.70
C TYR B 300 13.69 -2.51 -8.18
N ALA B 301 12.86 -3.14 -7.36
CA ALA B 301 13.23 -4.36 -6.64
C ALA B 301 12.51 -5.61 -7.11
N ASN B 302 11.65 -5.53 -8.12
CA ASN B 302 10.98 -6.72 -8.64
C ASN B 302 11.92 -7.37 -9.65
N LEU B 303 12.83 -8.20 -9.16
CA LEU B 303 13.91 -8.74 -9.97
C LEU B 303 13.83 -10.25 -10.18
N GLY B 304 12.80 -10.90 -9.67
CA GLY B 304 12.72 -12.35 -9.78
C GLY B 304 13.84 -13.07 -9.05
N LEU B 305 14.34 -12.49 -7.96
CA LEU B 305 15.39 -13.14 -7.18
C LEU B 305 14.88 -14.44 -6.59
N LYS B 306 15.77 -15.43 -6.56
CA LYS B 306 15.38 -16.78 -6.13
C LYS B 306 15.33 -16.86 -4.61
N PRO B 307 14.19 -17.16 -4.01
CA PRO B 307 14.14 -17.29 -2.55
C PRO B 307 14.91 -18.50 -2.07
N SER B 308 15.45 -18.39 -0.86
CA SER B 308 16.03 -19.51 -0.14
C SER B 308 14.97 -19.98 0.85
N GLN B 309 14.23 -21.02 0.48
CA GLN B 309 13.19 -21.52 1.37
C GLN B 309 13.80 -22.33 2.50
N TYR B 310 12.96 -22.66 3.48
CA TYR B 310 13.38 -23.47 4.62
C TYR B 310 13.75 -24.88 4.16
N ASP B 311 15.03 -25.23 4.30
CA ASP B 311 15.53 -26.51 3.77
C ASP B 311 16.78 -26.89 4.57
N PRO B 312 16.60 -27.48 5.75
CA PRO B 312 17.77 -27.85 6.56
C PRO B 312 18.69 -28.86 5.89
N GLN B 313 18.15 -29.75 5.05
CA GLN B 313 19.01 -30.71 4.37
C GLN B 313 19.97 -30.01 3.41
N LYS B 314 19.48 -29.04 2.64
CA LYS B 314 20.35 -28.26 1.78
C LYS B 314 21.35 -27.45 2.59
N ALA B 315 20.93 -26.95 3.75
CA ALA B 315 21.85 -26.23 4.63
C ALA B 315 22.97 -27.15 5.11
N LYS B 316 22.61 -28.33 5.61
CA LYS B 316 23.62 -29.29 6.05
C LYS B 316 24.56 -29.66 4.93
N ALA B 317 24.01 -29.92 3.73
CA ALA B 317 24.84 -30.21 2.57
C ALA B 317 25.86 -29.11 2.34
N LEU B 318 25.38 -27.88 2.20
CA LEU B 318 26.28 -26.73 1.98
C LEU B 318 27.39 -26.69 3.01
N LEU B 319 27.07 -26.91 4.28
CA LEU B 319 28.08 -26.84 5.32
C LEU B 319 29.09 -27.97 5.20
N GLU B 320 28.62 -29.18 4.90
CA GLU B 320 29.54 -30.31 4.73
C GLU B 320 30.52 -30.04 3.58
N LYS B 321 30.00 -29.56 2.45
CA LYS B 321 30.87 -29.27 1.32
C LYS B 321 31.85 -28.14 1.59
N ALA B 322 31.56 -27.29 2.57
CA ALA B 322 32.48 -26.24 2.98
C ALA B 322 33.47 -26.68 4.05
N GLY B 323 33.40 -27.93 4.49
CA GLY B 323 34.30 -28.45 5.50
C GLY B 323 33.79 -28.39 6.92
N TRP B 324 32.53 -28.04 7.14
CA TRP B 324 31.94 -27.99 8.48
C TRP B 324 31.25 -29.31 8.74
N THR B 325 31.94 -30.21 9.43
CA THR B 325 31.46 -31.57 9.65
C THR B 325 31.25 -31.82 11.13
N LEU B 326 30.42 -32.82 11.43
CA LEU B 326 30.11 -33.18 12.80
C LEU B 326 31.11 -34.22 13.30
N PRO B 327 31.89 -33.91 14.33
CA PRO B 327 32.68 -34.97 14.99
C PRO B 327 31.77 -35.86 15.81
N ALA B 328 32.18 -37.12 15.96
CA ALA B 328 31.38 -38.08 16.69
C ALA B 328 31.36 -37.76 18.18
N GLY B 329 30.17 -37.64 18.75
CA GLY B 329 28.93 -37.65 17.99
C GLY B 329 28.20 -36.35 18.30
N LYS B 330 28.98 -35.26 18.36
CA LYS B 330 28.52 -34.01 18.92
C LYS B 330 27.52 -33.30 18.02
N ASP B 331 26.94 -32.23 18.58
CA ASP B 331 25.86 -31.47 17.98
C ASP B 331 26.34 -30.36 17.05
N ILE B 332 27.54 -29.84 17.29
CA ILE B 332 28.01 -28.59 16.70
C ILE B 332 29.15 -28.92 15.75
N ARG B 333 29.04 -28.45 14.52
CA ARG B 333 30.05 -28.77 13.52
C ARG B 333 31.36 -28.08 13.85
N GLU B 334 32.44 -28.58 13.24
CA GLU B 334 33.77 -28.04 13.46
C GLU B 334 34.54 -28.06 12.15
N LYS B 335 35.46 -27.10 12.03
CA LYS B 335 36.34 -26.99 10.87
C LYS B 335 37.67 -26.44 11.36
N ASN B 336 38.74 -27.21 11.17
CA ASN B 336 40.07 -26.87 11.68
C ASN B 336 40.05 -26.68 13.20
N GLY B 337 39.33 -27.55 13.89
CA GLY B 337 39.26 -27.48 15.34
C GLY B 337 38.42 -26.35 15.89
N GLN B 338 37.88 -25.46 15.05
CA GLN B 338 37.06 -24.39 15.60
C GLN B 338 35.58 -24.71 15.43
N PRO B 339 34.76 -24.55 16.45
CA PRO B 339 33.33 -24.88 16.34
C PRO B 339 32.58 -23.85 15.52
N LEU B 340 31.48 -24.29 14.91
CA LEU B 340 30.59 -23.42 14.15
C LEU B 340 29.75 -22.62 15.15
N ARG B 341 30.35 -21.56 15.68
CA ARG B 341 29.72 -20.69 16.66
C ARG B 341 29.59 -19.29 16.07
N ILE B 342 28.38 -18.73 16.18
CA ILE B 342 28.07 -17.42 15.62
C ILE B 342 27.36 -16.59 16.68
N GLU B 343 27.89 -15.39 16.93
CA GLU B 343 27.29 -14.51 17.93
C GLU B 343 26.15 -13.71 17.30
N LEU B 344 24.99 -13.78 17.94
CA LEU B 344 23.83 -12.95 17.58
C LEU B 344 23.63 -11.96 18.71
N SER B 345 24.03 -10.71 18.50
CA SER B 345 23.88 -9.67 19.51
C SER B 345 22.64 -8.85 19.22
N PHE B 346 21.89 -8.55 20.29
CA PHE B 346 20.61 -7.88 20.17
C PHE B 346 20.35 -7.10 21.45
N ILE B 347 19.33 -6.25 21.40
CA ILE B 347 18.93 -5.48 22.58
C ILE B 347 18.24 -6.44 23.55
N GLY B 348 18.90 -6.70 24.69
CA GLY B 348 18.46 -7.78 25.57
C GLY B 348 17.07 -7.58 26.15
N THR B 349 16.66 -6.33 26.33
CA THR B 349 15.35 -6.03 26.90
C THR B 349 14.26 -5.85 25.85
N ASP B 350 14.59 -6.03 24.57
CA ASP B 350 13.58 -6.05 23.52
C ASP B 350 13.00 -7.46 23.48
N ALA B 351 11.81 -7.62 24.07
CA ALA B 351 11.22 -8.94 24.21
C ALA B 351 10.97 -9.61 22.86
N LEU B 352 10.66 -8.82 21.83
CA LEU B 352 10.39 -9.40 20.52
C LEU B 352 11.68 -9.89 19.86
N SER B 353 12.76 -9.11 19.96
CA SER B 353 14.04 -9.56 19.42
C SER B 353 14.54 -10.79 20.14
N LYS B 354 14.37 -10.85 21.46
CA LYS B 354 14.77 -12.02 22.23
C LYS B 354 14.00 -13.26 21.77
N SER B 355 12.70 -13.11 21.54
CA SER B 355 11.88 -14.24 21.10
C SER B 355 12.35 -14.75 19.74
N MET B 356 12.55 -13.85 18.79
CA MET B 356 13.06 -14.26 17.48
C MET B 356 14.45 -14.87 17.59
N ALA B 357 15.29 -14.31 18.47
CA ALA B 357 16.64 -14.83 18.63
C ALA B 357 16.62 -16.27 19.15
N GLU B 358 15.74 -16.55 20.11
CA GLU B 358 15.63 -17.92 20.63
C GLU B 358 15.22 -18.90 19.53
N ILE B 359 14.27 -18.50 18.68
CA ILE B 359 13.82 -19.35 17.60
C ILE B 359 14.93 -19.56 16.58
N ILE B 360 15.64 -18.48 16.22
CA ILE B 360 16.74 -18.59 15.27
C ILE B 360 17.82 -19.51 15.82
N GLN B 361 18.13 -19.38 17.11
CA GLN B 361 19.12 -20.26 17.73
C GLN B 361 18.71 -21.72 17.62
N ALA B 362 17.43 -22.02 17.90
CA ALA B 362 16.96 -23.40 17.83
C ALA B 362 17.00 -23.94 16.41
N ASP B 363 16.60 -23.13 15.43
CA ASP B 363 16.62 -23.58 14.05
C ASP B 363 18.04 -23.85 13.56
N MET B 364 18.97 -22.96 13.90
CA MET B 364 20.34 -23.12 13.42
C MET B 364 21.06 -24.24 14.17
N ARG B 365 20.63 -24.55 15.39
CA ARG B 365 21.16 -25.73 16.08
C ARG B 365 20.85 -27.00 15.31
N GLN B 366 19.71 -27.03 14.59
CA GLN B 366 19.30 -28.22 13.87
C GLN B 366 20.23 -28.54 12.69
N ILE B 367 21.01 -27.58 12.23
CA ILE B 367 21.97 -27.81 11.15
C ILE B 367 23.40 -27.84 11.66
N GLY B 368 23.60 -27.87 12.98
CA GLY B 368 24.93 -27.95 13.55
C GLY B 368 25.61 -26.62 13.80
N ALA B 369 24.86 -25.53 13.87
CA ALA B 369 25.41 -24.20 14.13
C ALA B 369 25.02 -23.76 15.52
N ASP B 370 26.00 -23.29 16.29
CA ASP B 370 25.79 -22.87 17.68
C ASP B 370 25.71 -21.36 17.73
N VAL B 371 24.50 -20.83 17.88
CA VAL B 371 24.28 -19.40 17.94
C VAL B 371 24.38 -18.94 19.39
N SER B 372 25.29 -18.00 19.66
CA SER B 372 25.42 -17.39 20.97
C SER B 372 24.51 -16.18 21.05
N LEU B 373 23.59 -16.18 22.01
CA LEU B 373 22.68 -15.07 22.22
C LEU B 373 23.38 -14.03 23.12
N ILE B 374 23.73 -12.90 22.53
CA ILE B 374 24.40 -11.82 23.25
C ILE B 374 23.43 -10.66 23.44
N GLY B 375 22.68 -10.67 24.54
CA GLY B 375 21.79 -9.57 24.86
C GLY B 375 22.55 -8.47 25.57
N GLU B 376 22.36 -7.24 25.09
CA GLU B 376 23.14 -6.12 25.60
C GLU B 376 22.30 -4.86 25.67
N GLU B 377 22.87 -3.85 26.29
CA GLU B 377 22.23 -2.55 26.33
C GLU B 377 22.16 -1.96 24.93
N GLU B 378 21.17 -1.10 24.75
CA GLU B 378 20.93 -0.45 23.48
C GLU B 378 22.18 0.25 22.96
N SER B 379 22.89 0.99 23.83
CA SER B 379 24.08 1.73 23.40
C SER B 379 25.21 0.80 22.95
N SER B 380 25.37 -0.34 23.62
CA SER B 380 26.42 -1.28 23.23
C SER B 380 26.13 -1.89 21.86
N ILE B 381 24.85 -2.13 21.55
CA ILE B 381 24.51 -2.70 20.26
C ILE B 381 24.83 -1.72 19.13
N TYR B 382 24.47 -0.45 19.30
CA TYR B 382 24.76 0.52 18.24
C TYR B 382 26.25 0.76 18.10
N ALA B 383 27.01 0.66 19.19
CA ALA B 383 28.46 0.73 19.08
C ALA B 383 28.99 -0.46 18.28
N ARG B 384 28.47 -1.66 18.54
CA ARG B 384 28.84 -2.84 17.76
C ARG B 384 28.55 -2.62 16.28
N GLN B 385 27.38 -2.06 15.96
CA GLN B 385 27.01 -1.84 14.57
C GLN B 385 27.99 -0.89 13.89
N ARG B 386 28.40 0.17 14.58
CA ARG B 386 29.34 1.13 13.98
C ARG B 386 30.73 0.54 13.87
N ASP B 387 31.16 -0.28 14.83
CA ASP B 387 32.51 -0.82 14.83
C ASP B 387 32.64 -2.14 14.09
N GLY B 388 31.52 -2.72 13.64
CA GLY B 388 31.58 -4.02 13.03
C GLY B 388 31.92 -5.15 13.97
N ARG B 389 31.79 -4.96 15.28
CA ARG B 389 32.03 -6.06 16.22
C ARG B 389 30.73 -6.83 16.46
N PHE B 390 30.37 -7.61 15.45
CA PHE B 390 29.22 -8.49 15.55
C PHE B 390 29.39 -9.61 14.54
N GLY B 391 28.72 -10.73 14.82
CA GLY B 391 28.57 -11.80 13.87
C GLY B 391 27.27 -11.65 13.11
N MET B 392 26.14 -11.69 13.83
CA MET B 392 24.82 -11.42 13.28
C MET B 392 24.13 -10.39 14.15
N ILE B 393 23.37 -9.49 13.52
CA ILE B 393 22.56 -8.51 14.22
C ILE B 393 21.19 -8.46 13.56
N PHE B 394 20.18 -8.15 14.36
CA PHE B 394 18.91 -7.74 13.80
C PHE B 394 19.08 -6.40 13.10
N HIS B 395 18.34 -6.22 12.01
CA HIS B 395 18.46 -5.01 11.21
C HIS B 395 17.14 -4.82 10.47
N ARG B 396 16.92 -3.61 9.96
CA ARG B 396 15.69 -3.33 9.24
C ARG B 396 15.93 -2.26 8.18
N THR B 397 15.13 -2.31 7.13
CA THR B 397 15.13 -1.21 6.16
C THR B 397 14.24 -0.08 6.70
N TRP B 398 14.11 0.98 5.92
CA TRP B 398 13.66 2.26 6.46
C TRP B 398 12.29 2.70 5.94
N GLY B 399 11.70 1.98 5.00
CA GLY B 399 10.40 2.35 4.46
C GLY B 399 10.49 3.48 3.46
N ALA B 400 9.33 3.82 2.90
CA ALA B 400 9.26 4.93 1.95
C ALA B 400 9.54 6.24 2.67
N PRO B 401 10.24 7.19 2.01
CA PRO B 401 10.79 7.09 0.66
C PRO B 401 12.26 6.68 0.63
N TYR B 402 12.75 6.10 1.73
CA TYR B 402 14.15 5.72 1.82
C TYR B 402 14.46 4.46 1.02
N ASP B 403 13.53 3.52 0.98
CA ASP B 403 13.79 2.25 0.31
C ASP B 403 13.48 2.37 -1.17
N PRO B 404 14.41 2.02 -2.07
CA PRO B 404 15.75 1.49 -1.76
C PRO B 404 16.90 2.50 -1.83
N HIS B 405 16.67 3.68 -2.44
CA HIS B 405 17.80 4.52 -2.85
C HIS B 405 18.59 5.04 -1.65
N ALA B 406 17.92 5.51 -0.61
CA ALA B 406 18.65 6.06 0.53
C ALA B 406 19.30 4.97 1.36
N PHE B 407 18.61 3.83 1.51
CA PHE B 407 19.21 2.69 2.20
C PHE B 407 20.48 2.24 1.49
N LEU B 408 20.43 2.14 0.16
CA LEU B 408 21.63 1.78 -0.60
C LEU B 408 22.71 2.83 -0.46
N SER B 409 22.34 4.11 -0.59
CA SER B 409 23.32 5.19 -0.48
C SER B 409 24.11 5.10 0.83
N SER B 410 23.43 4.79 1.93
CA SER B 410 24.09 4.73 3.23
C SER B 410 25.06 3.56 3.36
N MET B 411 24.89 2.51 2.54
CA MET B 411 25.80 1.37 2.60
C MET B 411 27.25 1.76 2.33
N ARG B 412 27.48 2.91 1.72
CA ARG B 412 28.84 3.37 1.43
C ARG B 412 29.49 4.03 2.62
N VAL B 413 28.74 4.37 3.65
CA VAL B 413 29.23 5.17 4.77
C VAL B 413 29.84 4.24 5.81
N PRO B 414 31.14 4.35 6.10
CA PRO B 414 31.71 3.55 7.18
C PRO B 414 31.07 3.90 8.52
N SER B 415 31.25 3.00 9.49
CA SER B 415 30.70 3.14 10.83
C SER B 415 29.18 3.05 10.85
N HIS B 416 28.61 2.25 9.94
CA HIS B 416 27.21 1.86 10.02
C HIS B 416 27.11 0.38 9.69
N ALA B 417 25.99 -0.23 10.09
CA ALA B 417 25.91 -1.69 10.13
C ALA B 417 26.08 -2.30 8.74
N ASP B 418 25.43 -1.74 7.73
CA ASP B 418 25.44 -2.36 6.41
C ASP B 418 26.83 -2.32 5.79
N PHE B 419 27.49 -1.16 5.86
CA PHE B 419 28.88 -1.07 5.42
C PHE B 419 29.74 -2.12 6.10
N GLN B 420 29.63 -2.21 7.43
CA GLN B 420 30.46 -3.16 8.18
C GLN B 420 30.15 -4.60 7.80
N ALA B 421 28.87 -4.94 7.66
CA ALA B 421 28.51 -6.30 7.32
C ALA B 421 29.02 -6.70 5.94
N GLN B 422 29.17 -5.73 5.03
CA GLN B 422 29.56 -6.00 3.65
C GLN B 422 31.06 -5.92 3.41
N GLN B 423 31.86 -5.63 4.44
CA GLN B 423 33.28 -5.36 4.23
C GLN B 423 34.08 -6.58 3.79
N GLY B 424 33.62 -7.78 4.11
CA GLY B 424 34.31 -8.98 3.67
C GLY B 424 34.04 -9.39 2.25
N LEU B 425 33.16 -8.68 1.53
CA LEU B 425 32.83 -9.03 0.16
C LEU B 425 33.91 -8.55 -0.80
N ALA B 426 34.36 -9.44 -1.67
CA ALA B 426 35.35 -9.06 -2.68
C ALA B 426 34.82 -7.96 -3.59
N ASP B 427 33.51 -7.93 -3.84
CA ASP B 427 32.93 -6.94 -4.74
C ASP B 427 32.28 -5.77 -4.00
N LYS B 428 32.54 -5.62 -2.70
CA LYS B 428 32.11 -4.43 -1.98
C LYS B 428 32.57 -3.14 -2.66
N PRO B 429 33.84 -3.00 -3.09
CA PRO B 429 34.21 -1.77 -3.80
C PRO B 429 33.41 -1.54 -5.06
N LEU B 430 33.15 -2.59 -5.85
CA LEU B 430 32.32 -2.44 -7.04
C LEU B 430 30.90 -2.04 -6.67
N ILE B 431 30.36 -2.63 -5.59
CA ILE B 431 28.99 -2.31 -5.18
C ILE B 431 28.87 -0.84 -4.81
N ASP B 432 29.82 -0.33 -4.03
CA ASP B 432 29.78 1.08 -3.63
C ASP B 432 29.95 2.00 -4.83
N LYS B 433 30.78 1.60 -5.79
CA LYS B 433 30.91 2.37 -7.02
C LYS B 433 29.58 2.43 -7.77
N GLU B 434 28.90 1.29 -7.87
CA GLU B 434 27.64 1.25 -8.60
C GLU B 434 26.51 1.98 -7.87
N ILE B 435 26.56 2.00 -6.53
CA ILE B 435 25.60 2.80 -5.78
C ILE B 435 25.77 4.28 -6.10
N GLY B 436 27.02 4.74 -6.20
CA GLY B 436 27.26 6.11 -6.61
C GLY B 436 26.73 6.41 -8.00
N GLU B 437 26.90 5.46 -8.93
CA GLU B 437 26.43 5.65 -10.29
C GLU B 437 24.91 5.66 -10.37
N VAL B 438 24.25 4.80 -9.60
CA VAL B 438 22.80 4.70 -9.68
C VAL B 438 22.14 5.99 -9.20
N LEU B 439 22.79 6.70 -8.28
CA LEU B 439 22.22 7.95 -7.78
C LEU B 439 22.49 9.12 -8.73
N ALA B 440 23.58 9.06 -9.50
CA ALA B 440 23.99 10.19 -10.33
C ALA B 440 23.61 10.05 -11.79
N THR B 441 23.40 8.84 -12.29
CA THR B 441 23.08 8.67 -13.71
C THR B 441 21.71 9.26 -14.03
N HIS B 442 21.58 9.80 -15.24
CA HIS B 442 20.29 10.20 -15.78
C HIS B 442 19.85 9.29 -16.91
N ASP B 443 20.56 8.18 -17.12
CA ASP B 443 20.14 7.12 -18.02
C ASP B 443 19.28 6.17 -17.20
N GLU B 444 17.96 6.19 -17.44
CA GLU B 444 17.05 5.38 -16.64
C GLU B 444 17.26 3.88 -16.89
N THR B 445 17.61 3.50 -18.12
CA THR B 445 17.95 2.11 -18.38
C THR B 445 19.16 1.68 -17.56
N GLN B 446 20.19 2.53 -17.50
CA GLN B 446 21.36 2.20 -16.69
C GLN B 446 21.01 2.16 -15.21
N ARG B 447 20.14 3.08 -14.76
CA ARG B 447 19.74 3.10 -13.36
C ARG B 447 19.10 1.78 -12.94
N GLN B 448 18.21 1.25 -13.77
CA GLN B 448 17.54 0.00 -13.44
C GLN B 448 18.50 -1.18 -13.48
N ALA B 449 19.42 -1.19 -14.46
CA ALA B 449 20.41 -2.26 -14.53
C ALA B 449 21.35 -2.22 -13.34
N LEU B 450 21.67 -1.03 -12.84
CA LEU B 450 22.53 -0.94 -11.65
C LEU B 450 21.81 -1.42 -10.40
N TYR B 451 20.55 -1.04 -10.23
CA TYR B 451 19.76 -1.55 -9.11
C TYR B 451 19.69 -3.07 -9.14
N ARG B 452 19.42 -3.65 -10.31
CA ARG B 452 19.39 -5.10 -10.43
C ARG B 452 20.72 -5.70 -10.00
N ASP B 453 21.83 -5.15 -10.50
CA ASP B 453 23.15 -5.72 -10.19
C ASP B 453 23.46 -5.62 -8.71
N ILE B 454 23.21 -4.44 -8.11
CA ILE B 454 23.50 -4.25 -6.70
C ILE B 454 22.68 -5.21 -5.85
N LEU B 455 21.37 -5.23 -6.06
CA LEU B 455 20.49 -6.07 -5.24
C LEU B 455 20.74 -7.55 -5.47
N THR B 456 21.08 -7.95 -6.70
CA THR B 456 21.35 -9.35 -6.97
C THR B 456 22.65 -9.79 -6.29
N ARG B 457 23.66 -8.93 -6.31
CA ARG B 457 24.91 -9.25 -5.63
C ARG B 457 24.69 -9.43 -4.13
N LEU B 458 23.95 -8.51 -3.52
CA LEU B 458 23.69 -8.62 -2.08
C LEU B 458 22.87 -9.86 -1.77
N HIS B 459 21.92 -10.20 -2.64
CA HIS B 459 21.11 -11.40 -2.44
C HIS B 459 21.94 -12.66 -2.62
N ASP B 460 22.65 -12.76 -3.76
CA ASP B 460 23.34 -14.01 -4.08
C ASP B 460 24.56 -14.25 -3.20
N GLU B 461 25.11 -13.21 -2.60
CA GLU B 461 26.23 -13.31 -1.67
CA GLU B 461 26.22 -13.41 -1.68
C GLU B 461 25.77 -13.44 -0.23
N ALA B 462 24.45 -13.52 0.00
CA ALA B 462 23.84 -13.83 1.30
C ALA B 462 24.36 -12.92 2.41
N VAL B 463 24.38 -11.61 2.13
CA VAL B 463 24.76 -10.64 3.16
C VAL B 463 23.70 -10.59 4.25
N TYR B 464 22.44 -10.80 3.90
CA TYR B 464 21.33 -10.66 4.81
C TYR B 464 20.60 -11.98 4.95
N LEU B 465 19.87 -12.11 6.06
CA LEU B 465 18.91 -13.20 6.27
C LEU B 465 17.55 -12.53 6.44
N PRO B 466 16.84 -12.28 5.34
CA PRO B 466 15.52 -11.64 5.45
C PRO B 466 14.56 -12.49 6.26
N ILE B 467 13.81 -11.85 7.14
CA ILE B 467 12.88 -12.53 8.04
C ILE B 467 11.43 -12.18 7.70
N SER B 468 11.08 -10.90 7.76
CA SER B 468 9.69 -10.52 7.63
CA SER B 468 9.68 -10.51 7.65
C SER B 468 9.56 -9.15 6.98
N TYR B 469 8.44 -8.95 6.29
CA TYR B 469 7.99 -7.63 5.84
C TYR B 469 6.93 -7.20 6.85
N ILE B 470 7.22 -6.15 7.61
CA ILE B 470 6.40 -5.78 8.75
C ILE B 470 5.48 -4.63 8.36
N SER B 471 4.40 -4.48 9.13
CA SER B 471 3.37 -3.49 8.87
C SER B 471 3.35 -2.44 9.98
N MET B 472 2.68 -1.33 9.69
CA MET B 472 2.28 -0.43 10.75
C MET B 472 1.03 -0.98 11.44
N MET B 473 0.91 -0.73 12.74
CA MET B 473 -0.21 -1.19 13.55
CA MET B 473 -0.26 -1.17 13.47
C MET B 473 -0.84 0.00 14.27
N VAL B 474 -2.15 -0.04 14.42
CA VAL B 474 -2.91 0.99 15.11
C VAL B 474 -3.85 0.32 16.11
N VAL B 475 -3.92 0.89 17.31
CA VAL B 475 -4.93 0.56 18.31
C VAL B 475 -5.54 1.87 18.76
N SER B 476 -6.87 1.97 18.70
CA SER B 476 -7.50 3.25 18.96
C SER B 476 -8.88 3.08 19.59
N LYS B 477 -9.31 4.11 20.29
CA LYS B 477 -10.69 4.18 20.76
C LYS B 477 -11.62 4.35 19.57
N PRO B 478 -12.73 3.61 19.49
CA PRO B 478 -13.60 3.70 18.31
C PRO B 478 -13.99 5.12 17.93
N GLU B 479 -14.20 6.01 18.91
CA GLU B 479 -14.65 7.36 18.62
C GLU B 479 -13.69 8.13 17.73
N LEU B 480 -12.42 7.72 17.66
CA LEU B 480 -11.47 8.41 16.80
C LEU B 480 -11.62 8.06 15.33
N GLY B 481 -12.35 7.00 14.99
CA GLY B 481 -12.60 6.66 13.61
C GLY B 481 -11.44 5.93 12.98
N ASN B 482 -11.51 5.82 11.65
CA ASN B 482 -10.45 5.21 10.88
C ASN B 482 -9.20 6.09 10.94
N ILE B 483 -8.07 5.49 11.28
CA ILE B 483 -6.81 6.21 11.46
C ILE B 483 -6.01 6.09 10.16
N PRO B 484 -5.73 7.19 9.47
CA PRO B 484 -4.99 7.10 8.21
C PRO B 484 -3.50 6.87 8.44
N TYR B 485 -2.83 6.45 7.36
CA TYR B 485 -1.39 6.22 7.36
C TYR B 485 -0.69 7.32 6.58
N ALA B 486 0.44 7.78 7.11
CA ALA B 486 1.26 8.75 6.41
C ALA B 486 2.09 8.05 5.33
N PRO B 487 2.31 8.69 4.18
CA PRO B 487 3.14 8.07 3.14
C PRO B 487 4.57 7.79 3.60
N ILE B 488 5.13 8.67 4.43
CA ILE B 488 6.45 8.43 4.99
C ILE B 488 6.30 7.56 6.23
N ALA B 489 7.02 6.43 6.25
CA ALA B 489 6.81 5.42 7.28
C ALA B 489 7.15 5.91 8.68
N THR B 490 8.02 6.92 8.79
CA THR B 490 8.42 7.43 10.09
C THR B 490 7.55 8.59 10.58
N GLU B 491 6.52 8.96 9.83
CA GLU B 491 5.63 10.04 10.22
C GLU B 491 4.29 9.49 10.68
N ILE B 492 3.59 10.29 11.49
CA ILE B 492 2.29 9.93 12.04
C ILE B 492 1.33 11.05 11.72
N PRO B 493 0.24 10.78 10.97
CA PRO B 493 -0.62 11.87 10.45
C PRO B 493 -1.66 12.34 11.47
N PHE B 494 -1.19 12.87 12.59
CA PHE B 494 -2.10 13.35 13.63
C PHE B 494 -3.07 14.40 13.10
N GLU B 495 -2.64 15.22 12.14
CA GLU B 495 -3.47 16.31 11.63
C GLU B 495 -4.64 15.81 10.78
N GLN B 496 -4.71 14.52 10.48
CA GLN B 496 -5.80 13.96 9.69
C GLN B 496 -6.77 13.11 10.50
N ILE B 497 -6.59 13.02 11.82
CA ILE B 497 -7.49 12.28 12.67
C ILE B 497 -8.70 13.14 12.99
N LYS B 498 -9.90 12.55 12.89
CA LYS B 498 -11.12 13.27 13.25
C LYS B 498 -11.73 12.63 14.48
N PRO B 499 -11.70 13.29 15.63
CA PRO B 499 -12.35 12.74 16.84
C PRO B 499 -13.87 12.79 16.75
N VAL B 500 -14.52 13.11 17.86
CA VAL B 500 -15.96 13.27 17.91
C VAL B 500 -16.37 14.04 19.16
#